data_9K1Z
#
_entry.id   9K1Z
#
loop_
_entity.id
_entity.type
_entity.pdbx_description
1 polymer 'Sodium- and chloride-dependent taurine transporter'
2 polymer 'Fragment antigen binding heavy chain'
3 polymer 'Fragment antigen binding light chain'
4 non-polymer '(3R)-piperidine-3-carboxylic acid'
5 non-polymer 'CHLORIDE ION'
#
loop_
_entity_poly.entity_id
_entity_poly.type
_entity_poly.pdbx_seq_one_letter_code
_entity_poly.pdbx_strand_id
1 'polypeptide(L)'
;MATKEKLQCLKDFHKDILKPSPGKSPGTRPEDEAEGKPPQREKWSSKIDFVLSVAGGFVGLGNVWRFPYLCYKNGGGAFL
IPYFIFLFGSGLPVFFLEIIIGQYTSEGGITCWEKICPLFSGIGYASVVIVSLLNVYYIVILAWATYYLFQSFQKELPWA
HCNHSWNTPHCMEDTMRKNKSVWITISSTNFTSPVIEFWERNVLSLSPGIDHPGSLKWDLALCLLLVWLVCFFCIWKGVR
STGKVVYFTATFPFAMLLVLLVRGLTLPGAGAGIKFYLYPDITRLEDPQVWIDAGTQIFFSYAICLGAMTSLGSYNKYHN
NVYRDCMLLGCLNSGTSFVSGFAIFSILGFMAQEQGVDIADVAESGPGLAFIAYPKAVTMMPLPTFWSILFFIMLLLLGL
DSQFVEVEGQITSLVDLYPSFLRKGYRREIFIAFVCSISYLLGLTMVTEGGMYVFQLFDYYAASGVCLLWVAFFECFVIA
WIYGGNRFSEDIRDMIGFPPGPWMKYSWAVITPVLCVGCFIFSLVKYVPLTYNKTYVYPNWAIGLGWSLALSSMLCVPLV
IVIRLCQTEGPFLVRVKYLLTPREPNRWAVEREGATPYNSRTVMNGALVKPTHIIVETMMGSDEVDAGSHHHHHHHHHHG
SVEDYKDDDDK
;
A
2 'polypeptide(L)'
;EVQLVESGGGLVKPGGSLKLSCAASGFTFSSYAMSWVRQSPEKRLEWVAEISSGGRYIYYSDTVTGRFTISRDNARNILH
LEMSSLRSEDTAMYYCARGEVRQRGFDYWGQGTTLTVS
;
H
3 'polypeptide(L)'
;ENVLTQSPAIMSTSPGEKVTMTCRASSSVGSSYLHWYQQKSGASPKLWIYSTSNLASGVPARFSGSGSGTSYSLTISSVE
AEDAATYYCQQFSGYPLTFGSGTKLEMGSDEVDAGSHHHHHHHHHHGSVEDYKDDDDK
;
L
#
loop_
_chem_comp.id
_chem_comp.type
_chem_comp.name
_chem_comp.formula
CL non-polymer 'CHLORIDE ION' 'Cl -1'
ID7 non-polymer '(3R)-piperidine-3-carboxylic acid' 'C6 H11 N O2'
#
# COMPACT_ATOMS: atom_id res chain seq x y z
N LYS A 47 -9.68 10.65 -4.52
CA LYS A 47 -10.91 11.20 -3.96
C LYS A 47 -10.90 11.06 -2.43
N ILE A 48 -11.67 11.92 -1.75
CA ILE A 48 -11.72 11.89 -0.30
C ILE A 48 -12.37 10.61 0.23
N ASP A 49 -13.17 9.94 -0.60
CA ASP A 49 -13.81 8.70 -0.16
C ASP A 49 -12.77 7.63 0.16
N PHE A 50 -11.79 7.45 -0.73
CA PHE A 50 -10.72 6.49 -0.47
C PHE A 50 -9.95 6.86 0.78
N VAL A 51 -9.67 8.16 0.98
CA VAL A 51 -8.93 8.59 2.15
C VAL A 51 -9.69 8.23 3.43
N LEU A 52 -10.97 8.64 3.50
CA LEU A 52 -11.75 8.37 4.71
C LEU A 52 -11.99 6.87 4.90
N SER A 53 -11.92 6.08 3.83
CA SER A 53 -12.13 4.65 3.97
C SER A 53 -10.89 3.90 4.41
N VAL A 54 -9.69 4.34 3.99
CA VAL A 54 -8.48 3.54 4.13
C VAL A 54 -7.49 4.18 5.09
N ALA A 55 -7.25 5.50 4.96
CA ALA A 55 -6.14 6.13 5.66
C ALA A 55 -6.27 6.03 7.17
N GLY A 56 -7.47 5.79 7.68
CA GLY A 56 -7.66 5.63 9.11
C GLY A 56 -6.90 4.45 9.70
N GLY A 57 -6.78 3.35 8.96
CA GLY A 57 -6.08 2.19 9.48
C GLY A 57 -4.57 2.30 9.42
N PHE A 58 -4.04 3.16 8.55
CA PHE A 58 -2.60 3.31 8.41
C PHE A 58 -2.07 4.48 9.24
N VAL A 59 -2.73 5.63 9.17
CA VAL A 59 -2.31 6.77 9.97
C VAL A 59 -2.68 6.52 11.42
N GLY A 60 -1.67 6.47 12.28
CA GLY A 60 -1.90 6.16 13.68
C GLY A 60 -0.75 6.61 14.55
N LEU A 61 -0.48 5.84 15.60
CA LEU A 61 0.59 6.18 16.54
C LEU A 61 1.97 6.12 15.91
N GLY A 62 2.14 5.32 14.85
CA GLY A 62 3.46 5.17 14.26
C GLY A 62 4.02 6.47 13.72
N ASN A 63 3.15 7.34 13.22
CA ASN A 63 3.60 8.60 12.64
C ASN A 63 3.83 9.66 13.71
N VAL A 64 2.89 9.79 14.64
CA VAL A 64 2.94 10.89 15.60
C VAL A 64 3.86 10.59 16.78
N TRP A 65 4.11 9.32 17.06
CA TRP A 65 4.89 8.93 18.24
C TRP A 65 6.15 8.16 17.91
N ARG A 66 6.08 7.15 17.03
CA ARG A 66 7.25 6.33 16.76
C ARG A 66 8.29 7.07 15.93
N PHE A 67 7.84 7.75 14.87
CA PHE A 67 8.76 8.49 14.00
C PHE A 67 9.53 9.59 14.73
N PRO A 68 8.90 10.46 15.53
CA PRO A 68 9.70 11.50 16.21
C PRO A 68 10.78 10.95 17.12
N TYR A 69 10.50 9.88 17.87
CA TYR A 69 11.50 9.37 18.79
C TYR A 69 12.61 8.64 18.07
N LEU A 70 12.29 7.95 16.97
CA LEU A 70 13.34 7.34 16.15
C LEU A 70 14.23 8.41 15.53
N CYS A 71 13.63 9.52 15.07
CA CYS A 71 14.42 10.60 14.50
C CYS A 71 15.30 11.25 15.56
N TYR A 72 14.76 11.45 16.77
CA TYR A 72 15.53 12.04 17.86
C TYR A 72 16.66 11.12 18.32
N LYS A 73 16.41 9.82 18.33
CA LYS A 73 17.42 8.87 18.77
C LYS A 73 18.62 8.84 17.83
N ASN A 74 18.39 9.07 16.54
CA ASN A 74 19.42 8.96 15.53
C ASN A 74 20.08 10.29 15.18
N GLY A 75 19.81 11.33 15.96
CA GLY A 75 20.46 12.61 15.73
C GLY A 75 19.73 13.56 14.80
N GLY A 76 18.46 13.31 14.53
CA GLY A 76 17.67 14.25 13.75
C GLY A 76 17.84 14.14 12.25
N GLY A 77 18.60 15.06 11.66
CA GLY A 77 18.71 15.16 10.22
C GLY A 77 19.28 13.94 9.54
N ALA A 78 20.18 13.22 10.22
CA ALA A 78 20.77 12.03 9.60
C ALA A 78 19.76 10.93 9.38
N PHE A 79 18.62 10.99 10.08
CA PHE A 79 17.59 9.96 9.93
C PHE A 79 16.80 10.12 8.64
N LEU A 80 16.71 11.34 8.11
CA LEU A 80 15.80 11.61 7.00
C LEU A 80 16.29 11.04 5.68
N ILE A 81 17.59 11.10 5.40
CA ILE A 81 18.12 10.64 4.11
C ILE A 81 17.84 9.15 3.93
N PRO A 82 18.23 8.26 4.86
CA PRO A 82 17.83 6.85 4.69
C PRO A 82 16.34 6.66 4.72
N TYR A 83 15.60 7.50 5.46
CA TYR A 83 14.15 7.41 5.49
C TYR A 83 13.57 7.57 4.09
N PHE A 84 13.94 8.65 3.39
CA PHE A 84 13.43 8.88 2.06
C PHE A 84 13.99 7.89 1.05
N ILE A 85 15.24 7.45 1.22
CA ILE A 85 15.80 6.44 0.33
C ILE A 85 14.99 5.16 0.41
N PHE A 86 14.74 4.67 1.63
CA PHE A 86 13.93 3.47 1.80
C PHE A 86 12.51 3.69 1.30
N LEU A 87 11.94 4.87 1.56
CA LEU A 87 10.60 5.18 1.07
C LEU A 87 10.53 4.99 -0.44
N PHE A 88 11.26 5.83 -1.19
CA PHE A 88 11.19 5.81 -2.64
C PHE A 88 11.80 4.57 -3.26
N GLY A 89 12.50 3.75 -2.48
CA GLY A 89 13.03 2.51 -3.03
C GLY A 89 12.10 1.32 -2.87
N SER A 90 11.49 1.17 -1.69
CA SER A 90 10.69 0.00 -1.39
C SER A 90 9.29 0.29 -0.85
N GLY A 91 9.09 1.39 -0.11
CA GLY A 91 7.85 1.57 0.62
C GLY A 91 6.62 1.55 -0.25
N LEU A 92 6.53 2.51 -1.18
CA LEU A 92 5.42 2.52 -2.12
C LEU A 92 5.39 1.28 -3.02
N PRO A 93 6.51 0.83 -3.61
CA PRO A 93 6.44 -0.39 -4.44
C PRO A 93 5.98 -1.62 -3.67
N VAL A 94 6.57 -1.88 -2.50
CA VAL A 94 6.17 -3.06 -1.73
C VAL A 94 4.73 -2.90 -1.22
N PHE A 95 4.31 -1.68 -0.89
CA PHE A 95 2.93 -1.47 -0.48
C PHE A 95 1.96 -1.81 -1.61
N PHE A 96 2.25 -1.32 -2.81
CA PHE A 96 1.42 -1.67 -3.97
C PHE A 96 1.45 -3.17 -4.22
N LEU A 97 2.59 -3.80 -3.99
CA LEU A 97 2.69 -5.26 -4.14
C LEU A 97 1.79 -5.97 -3.13
N GLU A 98 1.75 -5.50 -1.88
CA GLU A 98 0.84 -6.08 -0.90
C GLU A 98 -0.61 -5.89 -1.31
N ILE A 99 -0.96 -4.71 -1.83
CA ILE A 99 -2.34 -4.48 -2.27
C ILE A 99 -2.70 -5.44 -3.39
N ILE A 100 -1.80 -5.62 -4.35
CA ILE A 100 -2.04 -6.53 -5.45
C ILE A 100 -2.17 -7.97 -4.96
N ILE A 101 -1.32 -8.37 -4.02
CA ILE A 101 -1.38 -9.73 -3.49
C ILE A 101 -2.71 -9.96 -2.78
N GLY A 102 -3.17 -8.98 -2.00
CA GLY A 102 -4.44 -9.11 -1.33
C GLY A 102 -5.61 -9.20 -2.31
N GLN A 103 -5.57 -8.38 -3.36
CA GLN A 103 -6.67 -8.37 -4.31
C GLN A 103 -6.66 -9.59 -5.23
N TYR A 104 -5.49 -10.22 -5.39
CA TYR A 104 -5.37 -11.35 -6.32
C TYR A 104 -6.17 -12.56 -5.83
N THR A 105 -6.16 -12.83 -4.53
CA THR A 105 -6.86 -13.98 -3.97
C THR A 105 -8.10 -13.61 -3.19
N SER A 106 -8.34 -12.33 -2.93
CA SER A 106 -9.47 -11.86 -2.12
C SER A 106 -9.42 -12.49 -0.72
N GLU A 107 -8.21 -12.64 -0.19
CA GLU A 107 -8.01 -13.22 1.13
C GLU A 107 -6.67 -12.74 1.67
N GLY A 108 -6.49 -12.94 2.97
CA GLY A 108 -5.28 -12.52 3.64
C GLY A 108 -4.09 -13.41 3.32
N GLY A 109 -3.03 -13.23 4.10
CA GLY A 109 -1.80 -13.99 3.89
C GLY A 109 -1.96 -15.48 4.12
N ILE A 110 -3.06 -15.90 4.75
CA ILE A 110 -3.27 -17.32 5.04
C ILE A 110 -3.51 -18.14 3.80
N THR A 111 -3.97 -17.53 2.71
CA THR A 111 -4.37 -18.29 1.53
C THR A 111 -3.67 -17.82 0.25
N CYS A 112 -3.38 -16.53 0.13
CA CYS A 112 -2.88 -15.98 -1.12
C CYS A 112 -1.54 -16.61 -1.53
N TRP A 113 -0.72 -17.00 -0.55
CA TRP A 113 0.59 -17.54 -0.88
C TRP A 113 0.52 -18.95 -1.44
N GLU A 114 -0.59 -19.66 -1.24
CA GLU A 114 -0.72 -20.99 -1.82
C GLU A 114 -0.88 -20.93 -3.33
N LYS A 115 -1.43 -19.83 -3.85
CA LYS A 115 -1.61 -19.65 -5.28
C LYS A 115 -0.42 -18.98 -5.95
N ILE A 116 0.64 -18.69 -5.20
CA ILE A 116 1.82 -18.01 -5.74
C ILE A 116 3.02 -18.94 -5.68
N CYS A 117 3.37 -19.36 -4.46
CA CYS A 117 4.49 -20.27 -4.25
C CYS A 117 4.22 -21.05 -2.98
N PRO A 118 3.75 -22.30 -3.09
CA PRO A 118 3.49 -23.10 -1.88
C PRO A 118 4.71 -23.31 -1.00
N LEU A 119 5.91 -23.33 -1.59
CA LEU A 119 7.11 -23.56 -0.79
C LEU A 119 7.30 -22.47 0.25
N PHE A 120 7.04 -21.21 -0.10
CA PHE A 120 7.23 -20.08 0.79
C PHE A 120 5.93 -19.64 1.46
N SER A 121 5.05 -20.59 1.77
CA SER A 121 3.79 -20.27 2.44
C SER A 121 4.00 -19.79 3.87
N GLY A 122 5.20 -19.96 4.43
CA GLY A 122 5.46 -19.52 5.79
C GLY A 122 5.42 -18.01 5.96
N ILE A 123 5.38 -17.26 4.87
CA ILE A 123 5.30 -15.80 4.96
C ILE A 123 4.01 -15.37 5.63
N GLY A 124 2.90 -16.05 5.32
CA GLY A 124 1.64 -15.73 5.98
C GLY A 124 1.69 -15.97 7.48
N TYR A 125 2.28 -17.08 7.90
CA TYR A 125 2.43 -17.36 9.33
C TYR A 125 3.33 -16.33 9.99
N ALA A 126 4.41 -15.93 9.30
CA ALA A 126 5.29 -14.91 9.83
C ALA A 126 4.55 -13.59 10.03
N SER A 127 3.74 -13.20 9.04
CA SER A 127 2.95 -11.98 9.16
C SER A 127 1.94 -12.08 10.30
N VAL A 128 1.32 -13.24 10.45
CA VAL A 128 0.33 -13.43 11.51
C VAL A 128 0.99 -13.30 12.88
N VAL A 129 2.17 -13.92 13.06
CA VAL A 129 2.84 -13.82 14.35
C VAL A 129 3.39 -12.41 14.57
N ILE A 130 3.75 -11.71 13.49
CA ILE A 130 4.16 -10.31 13.62
C ILE A 130 3.01 -9.47 14.14
N VAL A 131 1.81 -9.67 13.59
CA VAL A 131 0.65 -8.92 14.05
C VAL A 131 0.30 -9.30 15.48
N SER A 132 0.46 -10.59 15.83
CA SER A 132 0.20 -11.03 17.19
C SER A 132 1.13 -10.36 18.19
N LEU A 133 2.41 -10.24 17.84
CA LEU A 133 3.36 -9.56 18.72
C LEU A 133 3.09 -8.05 18.75
N LEU A 134 2.68 -7.48 17.61
CA LEU A 134 2.43 -6.05 17.53
C LEU A 134 1.23 -5.63 18.37
N ASN A 135 0.16 -6.44 18.36
CA ASN A 135 -1.05 -6.06 19.07
C ASN A 135 -0.84 -6.06 20.58
N VAL A 136 0.11 -6.85 21.07
CA VAL A 136 0.35 -6.91 22.51
C VAL A 136 0.92 -5.58 23.02
N TYR A 137 1.87 -5.02 22.29
CA TYR A 137 2.58 -3.83 22.76
C TYR A 137 2.07 -2.53 22.17
N TYR A 138 1.30 -2.57 21.09
CA TYR A 138 0.80 -1.33 20.50
C TYR A 138 -0.26 -0.68 21.39
N ILE A 139 -1.00 -1.47 22.16
CA ILE A 139 -2.06 -0.93 23.00
C ILE A 139 -1.52 -0.40 24.33
N VAL A 140 -0.25 -0.66 24.65
CA VAL A 140 0.34 -0.06 25.85
C VAL A 140 0.42 1.46 25.70
N ILE A 141 0.66 1.94 24.48
CA ILE A 141 0.65 3.38 24.22
C ILE A 141 -0.72 3.95 24.49
N LEU A 142 -1.77 3.24 24.06
CA LEU A 142 -3.13 3.69 24.35
C LEU A 142 -3.43 3.66 25.84
N ALA A 143 -2.89 2.67 26.56
CA ALA A 143 -3.05 2.63 28.01
C ALA A 143 -2.40 3.85 28.66
N TRP A 144 -1.18 4.21 28.21
CA TRP A 144 -0.53 5.41 28.72
C TRP A 144 -1.33 6.66 28.40
N ALA A 145 -1.88 6.73 27.19
CA ALA A 145 -2.69 7.88 26.80
C ALA A 145 -3.94 7.99 27.67
N THR A 146 -4.58 6.85 27.94
CA THR A 146 -5.77 6.84 28.80
C THR A 146 -5.42 7.27 30.22
N TYR A 147 -4.29 6.79 30.74
CA TYR A 147 -3.84 7.22 32.07
C TYR A 147 -3.60 8.71 32.10
N TYR A 148 -2.95 9.26 31.08
CA TYR A 148 -2.72 10.69 31.01
C TYR A 148 -4.02 11.47 30.92
N LEU A 149 -4.98 10.97 30.15
CA LEU A 149 -6.28 11.64 30.03
C LEU A 149 -7.01 11.65 31.36
N PHE A 150 -6.97 10.53 32.09
CA PHE A 150 -7.57 10.49 33.42
C PHE A 150 -6.88 11.44 34.39
N GLN A 151 -5.54 11.51 34.33
CA GLN A 151 -4.81 12.45 35.17
C GLN A 151 -4.99 13.90 34.72
N SER A 152 -5.54 14.13 33.53
CA SER A 152 -5.77 15.48 33.04
C SER A 152 -7.03 16.12 33.62
N PHE A 153 -7.86 15.36 34.33
CA PHE A 153 -9.10 15.88 34.89
C PHE A 153 -8.83 16.60 36.21
N GLN A 154 -7.97 17.61 36.14
CA GLN A 154 -7.60 18.42 37.29
C GLN A 154 -7.62 19.89 36.91
N LYS A 155 -7.77 20.75 37.92
CA LYS A 155 -7.71 22.18 37.68
C LYS A 155 -6.33 22.61 37.19
N GLU A 156 -5.28 21.91 37.60
CA GLU A 156 -3.93 22.18 37.14
C GLU A 156 -3.27 20.85 36.75
N LEU A 157 -2.51 20.88 35.66
CA LEU A 157 -1.86 19.67 35.19
C LEU A 157 -0.81 19.22 36.19
N PRO A 158 -0.75 17.91 36.50
CA PRO A 158 0.24 17.44 37.48
C PRO A 158 1.68 17.66 37.04
N TRP A 159 1.95 17.65 35.73
CA TRP A 159 3.31 17.80 35.23
C TRP A 159 3.70 19.27 35.02
N ALA A 160 2.81 20.21 35.29
CA ALA A 160 3.14 21.62 35.17
C ALA A 160 4.04 22.11 36.30
N HIS A 161 3.96 21.49 37.48
CA HIS A 161 4.76 21.89 38.63
C HIS A 161 5.20 20.63 39.37
N CYS A 162 6.20 20.79 40.25
CA CYS A 162 6.72 19.66 41.00
C CYS A 162 6.68 19.92 42.50
N ASN A 163 5.52 20.34 43.01
CA ASN A 163 5.29 20.41 44.45
C ASN A 163 4.74 19.11 45.02
N HIS A 164 4.53 18.10 44.19
CA HIS A 164 3.84 16.89 44.59
C HIS A 164 4.79 15.89 45.26
N SER A 165 4.19 14.83 45.81
CA SER A 165 4.93 13.89 46.66
C SER A 165 5.86 12.99 45.86
N TRP A 166 5.48 12.60 44.65
CA TRP A 166 6.30 11.67 43.88
C TRP A 166 7.57 12.31 43.35
N ASN A 167 7.68 13.64 43.43
CA ASN A 167 8.71 14.36 42.72
C ASN A 167 9.98 14.45 43.56
N THR A 168 11.12 14.29 42.89
CA THR A 168 12.41 14.25 43.56
C THR A 168 12.86 15.66 43.96
N PRO A 169 13.73 15.77 44.96
CA PRO A 169 14.26 17.09 45.34
C PRO A 169 15.10 17.76 44.26
N HIS A 170 15.59 16.99 43.27
CA HIS A 170 16.40 17.56 42.20
C HIS A 170 15.60 18.42 41.22
N CYS A 171 14.27 18.42 41.32
CA CYS A 171 13.44 19.17 40.38
C CYS A 171 13.72 20.67 40.47
N MET A 172 13.64 21.34 39.33
CA MET A 172 13.73 22.79 39.25
C MET A 172 12.86 23.26 38.09
N GLU A 173 12.12 24.35 38.31
CA GLU A 173 11.23 24.84 37.26
C GLU A 173 12.01 25.24 36.02
N ASP A 174 11.44 24.96 34.85
CA ASP A 174 12.14 25.21 33.60
C ASP A 174 12.47 26.69 33.43
N THR A 175 11.52 27.57 33.74
CA THR A 175 11.79 29.00 33.68
C THR A 175 12.85 29.40 34.70
N MET A 176 12.78 28.85 35.91
CA MET A 176 13.74 29.20 36.96
C MET A 176 15.02 28.39 36.87
N ARG A 177 15.07 27.34 36.03
CA ARG A 177 16.28 26.54 35.89
C ARG A 177 17.44 27.35 35.32
N LYS A 178 17.15 28.37 34.53
CA LYS A 178 18.16 29.23 33.92
C LYS A 178 18.03 30.66 34.45
N ASN A 179 17.81 30.78 35.75
CA ASN A 179 17.66 32.08 36.39
C ASN A 179 19.00 32.81 36.47
N THR A 189 23.30 22.88 37.76
CA THR A 189 23.53 21.60 38.42
C THR A 189 22.77 20.48 37.72
N ASN A 190 22.63 19.34 38.41
CA ASN A 190 21.93 18.19 37.85
C ASN A 190 20.44 18.27 38.15
N PHE A 191 19.79 19.36 37.74
CA PHE A 191 18.37 19.50 37.95
C PHE A 191 17.58 18.66 36.94
N THR A 192 16.32 18.39 37.30
CA THR A 192 15.45 17.59 36.46
C THR A 192 14.15 18.33 36.21
N SER A 193 13.68 18.30 34.97
CA SER A 193 12.45 18.97 34.62
C SER A 193 11.25 18.19 35.15
N PRO A 194 10.23 18.89 35.67
CA PRO A 194 9.05 18.17 36.18
C PRO A 194 8.32 17.36 35.13
N VAL A 195 8.32 17.80 33.88
CA VAL A 195 7.58 17.10 32.83
C VAL A 195 8.18 15.71 32.58
N ILE A 196 9.50 15.60 32.57
CA ILE A 196 10.15 14.32 32.29
C ILE A 196 10.07 13.38 33.48
N GLU A 197 10.38 13.89 34.69
CA GLU A 197 10.36 13.03 35.85
C GLU A 197 8.95 12.63 36.27
N PHE A 198 7.93 13.44 35.95
CA PHE A 198 6.56 12.99 36.11
C PHE A 198 6.29 11.77 35.27
N TRP A 199 6.62 11.85 33.97
CA TRP A 199 6.45 10.71 33.08
C TRP A 199 7.23 9.49 33.58
N GLU A 200 8.40 9.73 34.17
CA GLU A 200 9.23 8.63 34.64
C GLU A 200 8.70 7.99 35.91
N ARG A 201 8.11 8.76 36.83
CA ARG A 201 7.79 8.26 38.15
C ARG A 201 6.31 8.02 38.42
N ASN A 202 5.42 8.89 37.96
CA ASN A 202 4.00 8.72 38.25
C ASN A 202 3.34 7.78 37.24
N VAL A 203 3.41 8.12 35.95
CA VAL A 203 2.81 7.29 34.92
C VAL A 203 3.56 5.97 34.79
N LEU A 204 4.89 6.03 34.79
CA LEU A 204 5.71 4.85 34.52
C LEU A 204 6.19 4.16 35.78
N SER A 205 6.63 4.90 36.78
CA SER A 205 7.28 4.34 37.97
C SER A 205 8.45 3.46 37.56
N LEU A 206 9.42 4.07 36.87
CA LEU A 206 10.49 3.34 36.22
C LEU A 206 11.35 2.59 37.23
N SER A 207 11.53 1.30 37.01
CA SER A 207 12.45 0.50 37.80
C SER A 207 13.88 0.82 37.38
N PRO A 208 14.85 0.63 38.29
CA PRO A 208 16.25 0.88 37.93
C PRO A 208 16.77 -0.02 36.82
N GLY A 209 16.13 -1.16 36.57
CA GLY A 209 16.57 -2.03 35.49
C GLY A 209 15.53 -3.09 35.21
N ILE A 210 15.72 -3.76 34.07
CA ILE A 210 14.81 -4.84 33.69
C ILE A 210 14.97 -6.06 34.60
N ASP A 211 16.10 -6.17 35.29
CA ASP A 211 16.30 -7.26 36.24
C ASP A 211 15.46 -7.12 37.49
N HIS A 212 14.79 -5.98 37.69
CA HIS A 212 13.96 -5.71 38.85
C HIS A 212 12.55 -5.35 38.35
N PRO A 213 11.71 -6.34 38.05
CA PRO A 213 10.37 -6.02 37.56
C PRO A 213 9.54 -5.19 38.52
N GLY A 214 9.70 -5.39 39.82
CA GLY A 214 8.95 -4.60 40.79
C GLY A 214 7.49 -5.03 40.86
N SER A 215 6.68 -4.13 41.42
CA SER A 215 5.26 -4.38 41.58
C SER A 215 4.51 -4.06 40.29
N LEU A 216 3.29 -4.59 40.20
CA LEU A 216 2.42 -4.38 39.05
C LEU A 216 1.54 -3.16 39.32
N LYS A 217 1.61 -2.17 38.43
CA LYS A 217 0.83 -0.95 38.59
C LYS A 217 -0.64 -1.22 38.32
N TRP A 218 -1.49 -0.96 39.32
CA TRP A 218 -2.91 -1.28 39.19
C TRP A 218 -3.62 -0.28 38.28
N ASP A 219 -3.26 1.00 38.35
CA ASP A 219 -3.94 2.01 37.54
C ASP A 219 -3.71 1.77 36.06
N LEU A 220 -2.46 1.47 35.68
CA LEU A 220 -2.16 1.13 34.29
C LEU A 220 -2.87 -0.15 33.86
N ALA A 221 -2.96 -1.13 34.76
CA ALA A 221 -3.67 -2.37 34.43
C ALA A 221 -5.14 -2.11 34.16
N LEU A 222 -5.78 -1.27 34.98
CA LEU A 222 -7.18 -0.94 34.73
C LEU A 222 -7.37 -0.08 33.48
N CYS A 223 -6.42 0.80 33.17
CA CYS A 223 -6.50 1.54 31.90
C CYS A 223 -6.41 0.59 30.72
N LEU A 224 -5.48 -0.37 30.78
CA LEU A 224 -5.40 -1.41 29.76
C LEU A 224 -6.69 -2.20 29.68
N LEU A 225 -7.30 -2.50 30.83
CA LEU A 225 -8.55 -3.24 30.84
C LEU A 225 -9.66 -2.46 30.16
N LEU A 226 -9.75 -1.15 30.42
CA LEU A 226 -10.76 -0.33 29.76
C LEU A 226 -10.55 -0.30 28.25
N VAL A 227 -9.30 -0.10 27.81
CA VAL A 227 -9.04 -0.02 26.37
C VAL A 227 -9.32 -1.37 25.70
N TRP A 228 -8.93 -2.47 26.34
CA TRP A 228 -9.21 -3.79 25.76
C TRP A 228 -10.69 -4.13 25.79
N LEU A 229 -11.43 -3.66 26.79
CA LEU A 229 -12.88 -3.86 26.78
C LEU A 229 -13.51 -3.11 25.63
N VAL A 230 -13.06 -1.87 25.37
CA VAL A 230 -13.55 -1.13 24.21
C VAL A 230 -13.22 -1.88 22.93
N CYS A 231 -11.99 -2.39 22.82
CA CYS A 231 -11.59 -3.13 21.63
C CYS A 231 -12.45 -4.37 21.43
N PHE A 232 -12.67 -5.14 22.50
CA PHE A 232 -13.47 -6.36 22.41
C PHE A 232 -14.91 -6.04 22.01
N PHE A 233 -15.48 -4.99 22.61
CA PHE A 233 -16.85 -4.61 22.26
C PHE A 233 -16.94 -4.21 20.79
N CYS A 234 -15.98 -3.41 20.31
CA CYS A 234 -16.02 -2.97 18.92
C CYS A 234 -15.85 -4.14 17.95
N ILE A 235 -14.95 -5.07 18.27
CA ILE A 235 -14.71 -6.20 17.38
C ILE A 235 -15.90 -7.14 17.37
N TRP A 236 -16.45 -7.45 18.55
CA TRP A 236 -17.54 -8.41 18.64
C TRP A 236 -18.86 -7.85 18.13
N LYS A 237 -19.07 -6.53 18.22
CA LYS A 237 -20.29 -5.91 17.74
C LYS A 237 -20.20 -5.45 16.29
N GLY A 238 -19.06 -5.67 15.64
CA GLY A 238 -18.89 -5.24 14.26
C GLY A 238 -18.90 -3.74 14.09
N VAL A 239 -18.53 -3.00 15.13
CA VAL A 239 -18.53 -1.54 15.07
C VAL A 239 -17.38 -1.07 14.20
N ARG A 240 -17.68 -0.15 13.29
CA ARG A 240 -16.67 0.40 12.39
C ARG A 240 -17.07 1.82 12.04
N SER A 241 -16.11 2.55 11.48
CA SER A 241 -16.34 3.95 11.13
C SER A 241 -17.08 4.08 9.80
N THR A 242 -18.23 3.42 9.69
CA THR A 242 -19.04 3.50 8.48
C THR A 242 -20.10 4.59 8.55
N GLY A 243 -20.36 5.14 9.74
CA GLY A 243 -21.38 6.16 9.90
C GLY A 243 -20.87 7.55 9.53
N LYS A 244 -21.75 8.53 9.75
CA LYS A 244 -21.39 9.92 9.46
C LYS A 244 -20.29 10.45 10.36
N VAL A 245 -20.05 9.80 11.51
CA VAL A 245 -19.03 10.24 12.44
C VAL A 245 -17.62 10.00 11.92
N VAL A 246 -17.48 9.29 10.80
CA VAL A 246 -16.15 9.03 10.25
C VAL A 246 -15.47 10.32 9.82
N TYR A 247 -16.24 11.30 9.34
CA TYR A 247 -15.65 12.58 8.96
C TYR A 247 -14.99 13.25 10.16
N PHE A 248 -15.70 13.34 11.29
CA PHE A 248 -15.11 13.92 12.49
C PHE A 248 -13.93 13.09 12.99
N THR A 249 -14.09 11.76 12.97
CA THR A 249 -13.02 10.89 13.47
C THR A 249 -11.74 11.07 12.66
N ALA A 250 -11.86 11.25 11.36
CA ALA A 250 -10.68 11.48 10.53
C ALA A 250 -10.14 12.90 10.65
N THR A 251 -11.03 13.90 10.77
CA THR A 251 -10.59 15.29 10.67
C THR A 251 -10.07 15.86 11.98
N PHE A 252 -10.55 15.36 13.11
CA PHE A 252 -10.09 15.88 14.40
C PHE A 252 -8.59 15.69 14.63
N PRO A 253 -7.99 14.51 14.38
CA PRO A 253 -6.53 14.39 14.61
C PRO A 253 -5.70 15.37 13.80
N PHE A 254 -6.06 15.63 12.54
CA PHE A 254 -5.29 16.57 11.74
C PHE A 254 -5.44 18.00 12.26
N ALA A 255 -6.64 18.38 12.71
CA ALA A 255 -6.82 19.69 13.29
C ALA A 255 -5.99 19.85 14.57
N MET A 256 -5.99 18.80 15.41
CA MET A 256 -5.18 18.85 16.62
C MET A 256 -3.70 18.93 16.30
N LEU A 257 -3.24 18.18 15.29
CA LEU A 257 -1.84 18.25 14.88
C LEU A 257 -1.49 19.63 14.34
N LEU A 258 -2.40 20.24 13.59
CA LEU A 258 -2.15 21.59 13.08
C LEU A 258 -2.06 22.60 14.21
N VAL A 259 -2.95 22.50 15.20
CA VAL A 259 -2.89 23.41 16.35
C VAL A 259 -1.58 23.22 17.10
N LEU A 260 -1.19 21.96 17.33
CA LEU A 260 0.05 21.69 18.04
C LEU A 260 1.26 22.20 17.27
N LEU A 261 1.25 22.05 15.94
CA LEU A 261 2.34 22.54 15.11
C LEU A 261 2.43 24.07 15.17
N VAL A 262 1.26 24.74 15.10
CA VAL A 262 1.23 26.19 15.19
C VAL A 262 1.79 26.66 16.52
N ARG A 263 1.43 25.96 17.61
CA ARG A 263 2.03 26.25 18.91
C ARG A 263 3.53 26.01 18.88
N GLY A 264 3.97 24.96 18.19
CA GLY A 264 5.39 24.64 18.15
C GLY A 264 6.22 25.70 17.48
N LEU A 265 5.73 26.25 16.37
CA LEU A 265 6.53 27.24 15.64
C LEU A 265 6.66 28.56 16.40
N THR A 266 5.65 28.97 17.15
CA THR A 266 5.65 30.25 17.82
C THR A 266 6.46 30.26 19.11
N LEU A 267 6.92 29.10 19.57
CA LEU A 267 7.78 29.05 20.74
C LEU A 267 9.15 29.63 20.41
N PRO A 268 9.74 30.40 21.33
CA PRO A 268 11.08 30.93 21.09
C PRO A 268 12.12 29.83 21.02
N GLY A 269 13.10 30.01 20.14
CA GLY A 269 14.16 29.04 19.98
C GLY A 269 13.80 27.84 19.12
N ALA A 270 12.63 27.84 18.48
CA ALA A 270 12.24 26.71 17.64
C ALA A 270 13.15 26.58 16.43
N GLY A 271 13.79 27.68 16.00
CA GLY A 271 14.69 27.62 14.87
C GLY A 271 15.81 26.63 15.05
N ALA A 272 16.37 26.54 16.26
CA ALA A 272 17.36 25.52 16.55
C ALA A 272 16.77 24.12 16.44
N GLY A 273 15.51 23.94 16.85
CA GLY A 273 14.87 22.64 16.69
C GLY A 273 14.72 22.24 15.24
N ILE A 274 14.28 23.17 14.39
CA ILE A 274 14.17 22.87 12.96
C ILE A 274 15.54 22.63 12.35
N LYS A 275 16.56 23.38 12.78
CA LYS A 275 17.91 23.17 12.27
C LYS A 275 18.41 21.77 12.63
N PHE A 276 18.19 21.34 13.88
CA PHE A 276 18.58 20.00 14.27
C PHE A 276 17.77 18.94 13.52
N TYR A 277 16.50 19.23 13.23
CA TYR A 277 15.67 18.28 12.51
C TYR A 277 16.15 18.10 11.08
N LEU A 278 16.56 19.18 10.40
CA LEU A 278 16.84 19.15 8.98
C LEU A 278 18.32 19.08 8.61
N TYR A 279 19.22 19.58 9.46
CA TYR A 279 20.64 19.55 9.14
C TYR A 279 21.20 18.15 9.38
N PRO A 280 21.82 17.53 8.41
CA PRO A 280 22.32 16.20 8.57
C PRO A 280 23.74 16.08 9.15
N ASP A 281 24.19 14.84 9.23
CA ASP A 281 25.54 14.59 9.70
C ASP A 281 25.95 13.32 8.99
N ILE A 282 26.63 13.45 7.87
CA ILE A 282 26.97 12.27 7.07
C ILE A 282 27.55 11.14 7.92
N THR A 283 28.59 11.45 8.69
CA THR A 283 29.23 10.43 9.51
C THR A 283 28.22 9.61 10.28
N ARG A 284 27.06 10.19 10.58
CA ARG A 284 26.07 9.49 11.39
C ARG A 284 25.41 8.39 10.58
N LEU A 285 25.23 8.62 9.28
CA LEU A 285 24.64 7.61 8.42
C LEU A 285 25.49 6.35 8.43
N GLU A 286 26.77 6.49 8.71
CA GLU A 286 27.66 5.34 8.73
C GLU A 286 27.29 4.38 9.85
N ASP A 287 26.37 4.80 10.71
CA ASP A 287 25.89 3.92 11.77
C ASP A 287 24.71 3.10 11.25
N PRO A 288 24.92 1.77 11.10
CA PRO A 288 23.84 0.92 10.59
C PRO A 288 22.56 1.11 11.39
N GLN A 289 22.69 1.59 12.62
CA GLN A 289 21.50 1.79 13.47
C GLN A 289 20.51 2.74 12.80
N VAL A 290 20.99 3.84 12.23
CA VAL A 290 20.10 4.80 11.60
C VAL A 290 19.46 4.21 10.35
N TRP A 291 20.22 3.42 9.59
CA TRP A 291 19.66 2.77 8.40
C TRP A 291 18.57 1.78 8.78
N ILE A 292 18.83 0.97 9.83
CA ILE A 292 17.83 0.02 10.30
C ILE A 292 16.59 0.76 10.79
N ASP A 293 16.79 1.85 11.55
CA ASP A 293 15.65 2.61 12.07
C ASP A 293 14.82 3.18 10.93
N ALA A 294 15.47 3.75 9.91
CA ALA A 294 14.74 4.33 8.79
C ALA A 294 13.96 3.27 8.03
N GLY A 295 14.61 2.16 7.69
CA GLY A 295 13.92 1.11 6.95
C GLY A 295 12.77 0.51 7.75
N THR A 296 13.00 0.27 9.04
CA THR A 296 11.96 -0.30 9.89
C THR A 296 10.79 0.65 10.04
N GLN A 297 11.06 1.96 10.19
CA GLN A 297 9.98 2.93 10.27
C GLN A 297 9.19 2.99 8.97
N ILE A 298 9.88 2.93 7.84
CA ILE A 298 9.20 2.93 6.55
C ILE A 298 8.28 1.71 6.44
N PHE A 299 8.77 0.54 6.83
CA PHE A 299 7.94 -0.67 6.73
C PHE A 299 6.80 -0.65 7.74
N PHE A 300 7.04 -0.10 8.94
CA PHE A 300 6.05 -0.15 10.01
C PHE A 300 4.92 0.84 9.75
N SER A 301 5.26 2.06 9.32
CA SER A 301 4.22 3.07 9.10
C SER A 301 3.29 2.66 7.96
N TYR A 302 3.81 1.99 6.95
CA TYR A 302 3.03 1.56 5.80
C TYR A 302 2.44 0.16 5.96
N ALA A 303 2.61 -0.46 7.13
CA ALA A 303 2.13 -1.81 7.40
C ALA A 303 2.67 -2.82 6.40
N ILE A 304 3.94 -2.64 6.01
CA ILE A 304 4.59 -3.62 5.15
C ILE A 304 4.70 -4.95 5.87
N CYS A 305 4.37 -6.03 5.16
CA CYS A 305 4.24 -7.40 5.66
C CYS A 305 3.01 -7.54 6.56
N LEU A 306 2.13 -6.56 6.59
CA LEU A 306 0.91 -6.62 7.40
C LEU A 306 -0.31 -6.21 6.57
N GLY A 307 -0.07 -5.45 5.50
CA GLY A 307 -1.18 -4.91 4.72
C GLY A 307 -2.00 -5.97 4.01
N ALA A 308 -1.37 -7.08 3.60
CA ALA A 308 -2.04 -8.05 2.75
C ALA A 308 -3.24 -8.72 3.40
N MET A 309 -3.30 -8.75 4.73
CA MET A 309 -4.43 -9.39 5.40
C MET A 309 -5.66 -8.50 5.48
N THR A 310 -5.52 -7.20 5.26
CA THR A 310 -6.62 -6.26 5.40
C THR A 310 -6.94 -5.60 4.06
N SER A 311 -5.93 -5.46 3.21
CA SER A 311 -6.15 -4.87 1.89
C SER A 311 -6.98 -5.80 1.01
N LEU A 312 -7.03 -7.09 1.33
CA LEU A 312 -7.85 -8.02 0.56
C LEU A 312 -9.32 -7.65 0.62
N GLY A 313 -9.79 -7.16 1.76
CA GLY A 313 -11.16 -6.72 1.89
C GLY A 313 -11.32 -5.23 1.68
N SER A 314 -10.44 -4.43 2.30
CA SER A 314 -10.55 -2.98 2.22
C SER A 314 -10.30 -2.47 0.80
N TYR A 315 -9.29 -2.98 0.12
CA TYR A 315 -8.93 -2.53 -1.22
C TYR A 315 -9.52 -3.39 -2.32
N ASN A 316 -10.63 -4.07 -2.06
CA ASN A 316 -11.27 -4.93 -3.04
C ASN A 316 -12.24 -4.18 -3.95
N LYS A 317 -12.38 -2.86 -3.78
CA LYS A 317 -13.31 -2.10 -4.60
C LYS A 317 -12.87 -2.12 -6.06
N TYR A 318 -13.82 -2.40 -6.95
CA TYR A 318 -13.55 -2.47 -8.37
C TYR A 318 -13.57 -1.08 -9.00
N HIS A 319 -13.05 -1.00 -10.22
CA HIS A 319 -13.01 0.21 -11.05
C HIS A 319 -12.20 1.33 -10.43
N ASN A 320 -11.42 1.06 -9.38
CA ASN A 320 -10.60 2.07 -8.75
C ASN A 320 -9.16 1.95 -9.19
N ASN A 321 -8.46 3.08 -9.22
CA ASN A 321 -7.06 3.13 -9.61
C ASN A 321 -6.22 2.73 -8.39
N VAL A 322 -5.78 1.47 -8.36
CA VAL A 322 -4.99 0.98 -7.25
C VAL A 322 -3.65 1.70 -7.18
N TYR A 323 -3.02 1.93 -8.33
CA TYR A 323 -1.73 2.60 -8.37
C TYR A 323 -1.81 4.01 -7.77
N ARG A 324 -2.78 4.80 -8.26
CA ARG A 324 -2.91 6.16 -7.77
C ARG A 324 -3.37 6.21 -6.32
N ASP A 325 -4.23 5.27 -5.91
CA ASP A 325 -4.65 5.22 -4.51
C ASP A 325 -3.47 4.91 -3.59
N CYS A 326 -2.61 3.97 -3.98
CA CYS A 326 -1.43 3.67 -3.19
C CYS A 326 -0.48 4.85 -3.16
N MET A 327 -0.32 5.54 -4.29
CA MET A 327 0.53 6.73 -4.31
C MET A 327 -0.01 7.82 -3.38
N LEU A 328 -1.33 8.03 -3.38
CA LEU A 328 -1.93 9.03 -2.52
C LEU A 328 -1.76 8.66 -1.04
N LEU A 329 -1.96 7.39 -0.71
CA LEU A 329 -1.78 6.95 0.68
C LEU A 329 -0.32 7.13 1.11
N GLY A 330 0.61 6.78 0.23
CA GLY A 330 2.03 6.95 0.56
C GLY A 330 2.40 8.41 0.75
N CYS A 331 1.88 9.29 -0.11
CA CYS A 331 2.12 10.71 0.07
C CYS A 331 1.56 11.21 1.40
N LEU A 332 0.32 10.80 1.71
CA LEU A 332 -0.34 11.30 2.91
C LEU A 332 0.37 10.85 4.18
N ASN A 333 0.74 9.58 4.25
CA ASN A 333 1.37 9.05 5.47
C ASN A 333 2.72 9.70 5.72
N SER A 334 3.56 9.76 4.67
CA SER A 334 4.85 10.41 4.80
C SER A 334 4.69 11.89 5.12
N GLY A 335 3.68 12.55 4.53
CA GLY A 335 3.47 13.96 4.81
C GLY A 335 3.11 14.21 6.26
N THR A 336 2.17 13.42 6.81
CA THR A 336 1.78 13.66 8.19
C THR A 336 2.92 13.31 9.16
N SER A 337 3.70 12.26 8.84
CA SER A 337 4.84 11.94 9.69
C SER A 337 5.87 13.08 9.67
N PHE A 338 6.24 13.54 8.48
CA PHE A 338 7.25 14.59 8.36
C PHE A 338 6.74 15.91 8.94
N VAL A 339 5.43 16.14 8.90
CA VAL A 339 4.84 17.34 9.48
C VAL A 339 4.89 17.28 11.01
N SER A 340 4.49 16.15 11.58
CA SER A 340 4.56 16.00 13.03
C SER A 340 6.00 16.04 13.54
N GLY A 341 6.96 15.68 12.69
CA GLY A 341 8.36 15.86 13.07
C GLY A 341 8.69 17.30 13.41
N PHE A 342 8.21 18.26 12.61
CA PHE A 342 8.45 19.67 12.91
C PHE A 342 7.83 20.06 14.24
N ALA A 343 6.61 19.60 14.50
CA ALA A 343 5.94 19.94 15.76
C ALA A 343 6.74 19.42 16.94
N ILE A 344 7.24 18.18 16.85
CA ILE A 344 8.01 17.61 17.94
C ILE A 344 9.32 18.37 18.13
N PHE A 345 10.05 18.61 17.03
CA PHE A 345 11.38 19.20 17.14
C PHE A 345 11.33 20.67 17.53
N SER A 346 10.25 21.38 17.19
CA SER A 346 10.11 22.76 17.66
C SER A 346 9.99 22.81 19.18
N ILE A 347 9.18 21.92 19.75
CA ILE A 347 9.06 21.85 21.21
C ILE A 347 10.38 21.44 21.83
N LEU A 348 11.10 20.50 21.19
CA LEU A 348 12.40 20.10 21.71
C LEU A 348 13.38 21.27 21.71
N GLY A 349 13.39 22.06 20.63
CA GLY A 349 14.27 23.23 20.59
C GLY A 349 13.89 24.29 21.61
N PHE A 350 12.58 24.49 21.81
CA PHE A 350 12.15 25.43 22.83
C PHE A 350 12.58 24.98 24.22
N MET A 351 12.46 23.67 24.50
CA MET A 351 12.93 23.14 25.78
C MET A 351 14.44 23.31 25.93
N ALA A 352 15.18 23.09 24.84
CA ALA A 352 16.63 23.28 24.88
C ALA A 352 17.00 24.72 25.19
N GLN A 353 16.29 25.67 24.56
CA GLN A 353 16.58 27.07 24.80
C GLN A 353 16.17 27.50 26.21
N GLU A 354 15.10 26.92 26.75
CA GLU A 354 14.64 27.30 28.08
C GLU A 354 15.54 26.71 29.17
N GLN A 355 15.97 25.46 29.02
CA GLN A 355 16.77 24.79 30.03
C GLN A 355 18.27 25.05 29.90
N GLY A 356 18.70 25.69 28.81
CA GLY A 356 20.12 25.96 28.61
C GLY A 356 20.97 24.72 28.43
N VAL A 357 20.45 23.70 27.73
CA VAL A 357 21.19 22.47 27.47
C VAL A 357 21.07 22.14 25.99
N ASP A 358 21.93 21.22 25.55
CA ASP A 358 21.95 20.83 24.14
C ASP A 358 20.65 20.14 23.76
N ILE A 359 20.31 20.23 22.47
CA ILE A 359 19.04 19.70 21.99
C ILE A 359 18.98 18.19 22.18
N ALA A 360 20.08 17.49 21.89
CA ALA A 360 20.09 16.04 21.97
C ALA A 360 19.97 15.50 23.40
N ASP A 361 20.10 16.36 24.42
CA ASP A 361 20.06 15.92 25.81
C ASP A 361 18.79 16.35 26.55
N VAL A 362 17.86 17.04 25.89
CA VAL A 362 16.73 17.62 26.61
C VAL A 362 15.78 16.54 27.11
N ALA A 363 15.49 15.52 26.30
CA ALA A 363 14.44 14.57 26.60
C ALA A 363 14.96 13.15 26.43
N GLU A 364 14.07 12.19 26.67
CA GLU A 364 14.41 10.78 26.57
C GLU A 364 14.54 10.36 25.12
N SER A 365 15.62 9.63 24.82
CA SER A 365 15.81 9.04 23.48
C SER A 365 15.15 7.67 23.45
N GLY A 366 13.81 7.69 23.53
CA GLY A 366 13.03 6.48 23.60
C GLY A 366 11.56 6.72 23.36
N PRO A 367 10.72 5.73 23.66
CA PRO A 367 9.30 5.84 23.35
C PRO A 367 8.59 7.02 24.01
N GLY A 368 9.12 7.53 25.12
CA GLY A 368 8.48 8.61 25.84
C GLY A 368 8.72 10.00 25.32
N LEU A 369 9.31 10.14 24.13
CA LEU A 369 9.57 11.47 23.59
C LEU A 369 8.28 12.24 23.39
N ALA A 370 7.24 11.59 22.85
CA ALA A 370 5.96 12.28 22.65
C ALA A 370 5.34 12.66 23.99
N PHE A 371 5.31 11.72 24.93
CA PHE A 371 4.73 11.96 26.26
C PHE A 371 5.53 12.95 27.09
N ILE A 372 6.75 13.28 26.67
CA ILE A 372 7.53 14.34 27.29
C ILE A 372 7.32 15.68 26.59
N ALA A 373 7.27 15.68 25.26
CA ALA A 373 7.22 16.92 24.51
C ALA A 373 5.81 17.50 24.47
N TYR A 374 4.85 16.71 23.99
CA TYR A 374 3.49 17.22 23.80
C TYR A 374 2.85 17.75 25.10
N PRO A 375 2.98 17.09 26.25
CA PRO A 375 2.46 17.72 27.49
C PRO A 375 3.06 19.08 27.79
N LYS A 376 4.32 19.30 27.45
CA LYS A 376 4.90 20.63 27.60
C LYS A 376 4.18 21.64 26.71
N ALA A 377 3.90 21.25 25.47
CA ALA A 377 3.18 22.14 24.54
C ALA A 377 1.78 22.47 25.06
N VAL A 378 1.05 21.46 25.54
CA VAL A 378 -0.28 21.74 26.05
C VAL A 378 -0.23 22.50 27.37
N THR A 379 0.87 22.40 28.12
CA THR A 379 1.05 23.20 29.32
C THR A 379 1.37 24.65 28.98
N MET A 380 1.96 24.91 27.82
CA MET A 380 2.24 26.27 27.37
C MET A 380 1.17 26.77 26.40
N MET A 381 -0.08 26.42 26.68
CA MET A 381 -1.24 26.88 25.94
C MET A 381 -2.28 27.40 26.94
N PRO A 382 -3.12 28.34 26.51
CA PRO A 382 -4.14 28.88 27.45
C PRO A 382 -5.18 27.81 27.76
N LEU A 383 -5.54 27.72 29.05
CA LEU A 383 -6.36 26.63 29.58
C LEU A 383 -5.70 25.29 29.25
N PRO A 384 -4.59 24.97 29.90
CA PRO A 384 -3.83 23.76 29.52
C PRO A 384 -4.64 22.47 29.63
N THR A 385 -5.58 22.40 30.59
CA THR A 385 -6.35 21.17 30.78
C THR A 385 -7.16 20.84 29.53
N PHE A 386 -7.80 21.84 28.93
CA PHE A 386 -8.63 21.61 27.76
C PHE A 386 -7.82 21.07 26.59
N TRP A 387 -6.68 21.71 26.31
CA TRP A 387 -5.82 21.26 25.22
C TRP A 387 -5.23 19.88 25.49
N SER A 388 -4.84 19.61 26.73
CA SER A 388 -4.33 18.28 27.06
C SER A 388 -5.39 17.21 26.84
N ILE A 389 -6.62 17.49 27.28
CA ILE A 389 -7.71 16.53 27.11
C ILE A 389 -7.95 16.28 25.62
N LEU A 390 -8.01 17.36 24.83
CA LEU A 390 -8.23 17.20 23.39
C LEU A 390 -7.11 16.39 22.74
N PHE A 391 -5.86 16.68 23.11
CA PHE A 391 -4.73 15.96 22.53
C PHE A 391 -4.80 14.48 22.86
N PHE A 392 -5.17 14.14 24.09
CA PHE A 392 -5.17 12.72 24.45
C PHE A 392 -6.36 11.98 23.87
N ILE A 393 -7.53 12.62 23.71
CA ILE A 393 -8.59 11.96 22.95
C ILE A 393 -8.16 11.77 21.50
N MET A 394 -7.43 12.74 20.94
CA MET A 394 -6.93 12.59 19.57
C MET A 394 -5.99 11.39 19.46
N LEU A 395 -5.07 11.25 20.42
CA LEU A 395 -4.15 10.12 20.40
C LEU A 395 -4.90 8.80 20.54
N LEU A 396 -5.88 8.76 21.45
CA LEU A 396 -6.68 7.54 21.61
C LEU A 396 -7.44 7.20 20.34
N LEU A 397 -8.00 8.20 19.67
CA LEU A 397 -8.73 7.93 18.44
C LEU A 397 -7.82 7.43 17.33
N LEU A 398 -6.63 8.02 17.21
CA LEU A 398 -5.68 7.52 16.21
C LEU A 398 -5.26 6.09 16.50
N GLY A 399 -5.00 5.77 17.77
CA GLY A 399 -4.58 4.42 18.09
C GLY A 399 -5.68 3.39 17.99
N LEU A 400 -6.91 3.76 18.33
CA LEU A 400 -7.99 2.78 18.41
C LEU A 400 -8.38 2.25 17.04
N ASP A 401 -8.42 3.10 16.02
CA ASP A 401 -8.79 2.64 14.69
C ASP A 401 -7.75 1.66 14.14
N SER A 402 -6.46 1.98 14.29
CA SER A 402 -5.42 1.08 13.84
C SER A 402 -5.44 -0.23 14.63
N GLN A 403 -5.67 -0.15 15.94
CA GLN A 403 -5.76 -1.36 16.74
C GLN A 403 -6.94 -2.22 16.32
N PHE A 404 -8.08 -1.58 16.02
CA PHE A 404 -9.25 -2.33 15.56
C PHE A 404 -8.96 -3.03 14.24
N VAL A 405 -8.32 -2.32 13.31
CA VAL A 405 -8.00 -2.92 12.02
C VAL A 405 -7.05 -4.10 12.19
N GLU A 406 -6.02 -3.94 13.03
CA GLU A 406 -5.06 -5.02 13.24
C GLU A 406 -5.70 -6.22 13.91
N VAL A 407 -6.55 -5.99 14.92
CA VAL A 407 -7.20 -7.09 15.61
C VAL A 407 -8.17 -7.81 14.67
N GLU A 408 -8.91 -7.06 13.85
CA GLU A 408 -9.82 -7.68 12.89
C GLU A 408 -9.06 -8.52 11.89
N GLY A 409 -7.93 -8.02 11.38
CA GLY A 409 -7.12 -8.81 10.47
C GLY A 409 -6.58 -10.07 11.11
N GLN A 410 -6.10 -9.96 12.35
CA GLN A 410 -5.61 -11.13 13.07
C GLN A 410 -6.71 -12.16 13.26
N ILE A 411 -7.90 -11.71 13.66
CA ILE A 411 -9.02 -12.63 13.89
C ILE A 411 -9.41 -13.32 12.58
N THR A 412 -9.49 -12.55 11.49
CA THR A 412 -9.86 -13.15 10.21
C THR A 412 -8.83 -14.17 9.76
N SER A 413 -7.54 -13.85 9.88
CA SER A 413 -6.50 -14.79 9.49
C SER A 413 -6.56 -16.05 10.33
N LEU A 414 -6.72 -15.90 11.65
CA LEU A 414 -6.73 -17.06 12.54
C LEU A 414 -7.93 -17.95 12.29
N VAL A 415 -9.11 -17.36 12.05
CA VAL A 415 -10.27 -18.18 11.74
C VAL A 415 -10.15 -18.78 10.34
N ASP A 416 -9.34 -18.16 9.47
CA ASP A 416 -9.02 -18.80 8.20
C ASP A 416 -8.06 -19.97 8.35
N LEU A 417 -7.25 -19.98 9.39
CA LEU A 417 -6.44 -21.15 9.70
C LEU A 417 -7.25 -22.28 10.33
N TYR A 418 -8.49 -22.03 10.72
CA TYR A 418 -9.33 -23.04 11.34
C TYR A 418 -10.81 -22.73 11.11
N PRO A 419 -11.29 -22.79 9.87
CA PRO A 419 -12.70 -22.48 9.62
C PRO A 419 -13.65 -23.59 10.05
N SER A 420 -13.18 -24.83 10.13
CA SER A 420 -14.07 -25.94 10.49
C SER A 420 -14.53 -25.84 11.93
N PHE A 421 -13.71 -25.28 12.81
CA PHE A 421 -14.01 -25.23 14.24
C PHE A 421 -14.47 -23.86 14.71
N LEU A 422 -13.73 -22.80 14.38
CA LEU A 422 -14.04 -21.47 14.87
C LEU A 422 -15.25 -20.85 14.20
N ARG A 423 -15.53 -21.20 12.95
CA ARG A 423 -16.64 -20.64 12.20
C ARG A 423 -17.89 -21.51 12.25
N LYS A 424 -17.89 -22.54 13.09
CA LYS A 424 -19.01 -23.48 13.17
C LYS A 424 -20.24 -22.90 13.86
N GLY A 425 -20.12 -21.74 14.51
CA GLY A 425 -21.25 -21.17 15.21
C GLY A 425 -20.89 -20.02 16.14
N TYR A 426 -21.33 -20.10 17.39
CA TYR A 426 -21.10 -19.03 18.37
C TYR A 426 -19.63 -18.92 18.76
N ARG A 427 -18.75 -19.74 18.21
CA ARG A 427 -17.34 -19.67 18.58
C ARG A 427 -16.68 -18.39 18.10
N ARG A 428 -17.34 -17.62 17.24
CA ARG A 428 -16.75 -16.38 16.73
C ARG A 428 -16.51 -15.37 17.85
N GLU A 429 -17.43 -15.26 18.80
CA GLU A 429 -17.24 -14.34 19.93
C GLU A 429 -16.27 -14.91 20.96
N ILE A 430 -16.30 -16.22 21.18
CA ILE A 430 -15.40 -16.82 22.16
C ILE A 430 -13.95 -16.71 21.71
N PHE A 431 -13.70 -16.85 20.40
CA PHE A 431 -12.34 -16.70 19.90
C PHE A 431 -11.83 -15.28 20.10
N ILE A 432 -12.69 -14.28 19.85
CA ILE A 432 -12.29 -12.89 20.05
C ILE A 432 -12.02 -12.63 21.53
N ALA A 433 -12.87 -13.15 22.41
CA ALA A 433 -12.66 -12.98 23.84
C ALA A 433 -11.36 -13.62 24.29
N PHE A 434 -11.07 -14.84 23.80
CA PHE A 434 -9.82 -15.50 24.16
C PHE A 434 -8.62 -14.74 23.64
N VAL A 435 -8.70 -14.22 22.42
CA VAL A 435 -7.58 -13.45 21.86
C VAL A 435 -7.33 -12.21 22.70
N CYS A 436 -8.39 -11.48 23.04
CA CYS A 436 -8.24 -10.28 23.85
C CYS A 436 -7.76 -10.58 25.27
N SER A 437 -8.09 -11.76 25.80
CA SER A 437 -7.60 -12.13 27.13
C SER A 437 -6.13 -12.51 27.10
N ILE A 438 -5.72 -13.27 26.08
CA ILE A 438 -4.32 -13.68 25.97
C ILE A 438 -3.45 -12.46 25.70
N SER A 439 -3.90 -11.55 24.83
CA SER A 439 -3.13 -10.33 24.59
C SER A 439 -3.05 -9.47 25.84
N TYR A 440 -4.13 -9.40 26.62
CA TYR A 440 -4.08 -8.71 27.91
C TYR A 440 -3.05 -9.34 28.85
N LEU A 441 -3.05 -10.66 28.99
CA LEU A 441 -2.10 -11.31 29.89
C LEU A 441 -0.67 -11.14 29.40
N LEU A 442 -0.46 -11.09 28.09
CA LEU A 442 0.88 -10.83 27.57
C LEU A 442 1.31 -9.38 27.82
N GLY A 443 0.40 -8.43 27.63
CA GLY A 443 0.74 -7.03 27.82
C GLY A 443 0.85 -6.64 29.28
N LEU A 444 0.31 -7.45 30.19
CA LEU A 444 0.40 -7.14 31.61
C LEU A 444 1.83 -7.15 32.10
N THR A 445 2.75 -7.77 31.36
CA THR A 445 4.16 -7.73 31.73
C THR A 445 4.73 -6.33 31.57
N MET A 446 4.14 -5.51 30.70
CA MET A 446 4.69 -4.22 30.34
C MET A 446 4.20 -3.06 31.20
N VAL A 447 3.24 -3.30 32.11
CA VAL A 447 2.74 -2.24 32.98
C VAL A 447 3.44 -2.23 34.34
N THR A 448 4.30 -3.19 34.62
CA THR A 448 5.03 -3.21 35.87
C THR A 448 6.04 -2.05 35.93
N GLU A 449 6.72 -1.95 37.07
CA GLU A 449 7.71 -0.88 37.24
C GLU A 449 8.85 -1.01 36.24
N GLY A 450 9.23 -2.24 35.90
CA GLY A 450 10.25 -2.46 34.89
C GLY A 450 9.66 -2.74 33.53
N GLY A 451 8.38 -2.39 33.36
CA GLY A 451 7.70 -2.69 32.11
C GLY A 451 8.16 -1.85 30.94
N MET A 452 8.78 -0.69 31.22
CA MET A 452 9.26 0.16 30.14
C MET A 452 10.35 -0.53 29.33
N TYR A 453 11.26 -1.24 30.02
CA TYR A 453 12.32 -1.95 29.31
C TYR A 453 11.75 -3.05 28.42
N VAL A 454 10.75 -3.78 28.93
CA VAL A 454 10.11 -4.82 28.12
C VAL A 454 9.41 -4.19 26.91
N PHE A 455 8.74 -3.04 27.13
CA PHE A 455 8.09 -2.36 26.02
C PHE A 455 9.10 -1.93 24.97
N GLN A 456 10.25 -1.40 25.40
CA GLN A 456 11.28 -0.99 24.44
C GLN A 456 11.82 -2.21 23.69
N LEU A 457 12.04 -3.32 24.38
CA LEU A 457 12.52 -4.53 23.73
C LEU A 457 11.52 -5.02 22.68
N PHE A 458 10.23 -5.03 23.03
CA PHE A 458 9.20 -5.45 22.08
C PHE A 458 9.14 -4.51 20.90
N ASP A 459 9.22 -3.20 21.15
CA ASP A 459 9.20 -2.22 20.07
C ASP A 459 10.37 -2.43 19.12
N TYR A 460 11.54 -2.74 19.66
CA TYR A 460 12.73 -2.88 18.82
C TYR A 460 12.72 -4.19 18.05
N TYR A 461 12.26 -5.28 18.66
CA TYR A 461 12.45 -6.60 18.08
C TYR A 461 11.19 -7.29 17.62
N ALA A 462 10.09 -7.24 18.39
CA ALA A 462 8.94 -8.09 18.12
C ALA A 462 8.32 -7.77 16.77
N ALA A 463 8.09 -6.48 16.48
CA ALA A 463 7.50 -6.05 15.22
C ALA A 463 8.37 -4.99 14.56
N SER A 464 9.68 -5.21 14.58
CA SER A 464 10.62 -4.22 14.07
C SER A 464 12.00 -4.88 13.92
N GLY A 465 12.91 -4.14 13.31
CA GLY A 465 14.28 -4.60 13.16
C GLY A 465 14.50 -5.49 11.96
N VAL A 466 15.27 -6.56 12.13
CA VAL A 466 15.64 -7.41 11.02
C VAL A 466 14.49 -8.27 10.55
N CYS A 467 13.44 -8.45 11.35
CA CYS A 467 12.33 -9.31 10.95
C CYS A 467 11.58 -8.73 9.76
N LEU A 468 11.29 -7.44 9.80
CA LEU A 468 10.58 -6.81 8.69
C LEU A 468 11.41 -6.85 7.41
N LEU A 469 12.71 -6.58 7.52
CA LEU A 469 13.59 -6.67 6.36
C LEU A 469 13.62 -8.10 5.81
N TRP A 470 13.69 -9.09 6.70
CA TRP A 470 13.69 -10.49 6.28
C TRP A 470 12.43 -10.83 5.50
N VAL A 471 11.27 -10.50 6.06
CA VAL A 471 10.01 -10.85 5.41
C VAL A 471 9.84 -10.12 4.09
N ALA A 472 10.16 -8.82 4.06
CA ALA A 472 10.03 -8.05 2.82
C ALA A 472 10.99 -8.56 1.75
N PHE A 473 12.23 -8.87 2.13
CA PHE A 473 13.20 -9.39 1.17
C PHE A 473 12.74 -10.71 0.59
N PHE A 474 12.25 -11.62 1.45
CA PHE A 474 11.77 -12.90 0.93
C PHE A 474 10.56 -12.72 0.03
N GLU A 475 9.62 -11.85 0.41
CA GLU A 475 8.45 -11.61 -0.42
C GLU A 475 8.85 -11.10 -1.80
N CYS A 476 9.69 -10.06 -1.83
CA CYS A 476 10.11 -9.47 -3.09
C CYS A 476 10.92 -10.45 -3.93
N PHE A 477 11.84 -11.19 -3.29
CA PHE A 477 12.62 -12.17 -4.02
C PHE A 477 11.75 -13.23 -4.66
N VAL A 478 10.81 -13.78 -3.89
CA VAL A 478 9.90 -14.80 -4.41
C VAL A 478 9.13 -14.24 -5.60
N ILE A 479 8.42 -13.13 -5.40
CA ILE A 479 7.54 -12.60 -6.43
C ILE A 479 8.33 -12.21 -7.68
N ALA A 480 9.52 -11.66 -7.51
CA ALA A 480 10.30 -11.19 -8.64
C ALA A 480 10.95 -12.32 -9.42
N TRP A 481 11.43 -13.36 -8.74
CA TRP A 481 12.25 -14.37 -9.41
C TRP A 481 11.61 -15.75 -9.50
N ILE A 482 11.04 -16.26 -8.43
CA ILE A 482 10.52 -17.63 -8.43
C ILE A 482 9.15 -17.70 -9.08
N TYR A 483 8.21 -16.87 -8.61
CA TYR A 483 6.93 -16.75 -9.30
C TYR A 483 7.12 -16.11 -10.67
N GLY A 484 7.97 -15.09 -10.74
CA GLY A 484 8.27 -14.44 -12.01
C GLY A 484 7.73 -13.03 -12.10
N GLY A 485 8.63 -12.06 -12.34
CA GLY A 485 8.19 -10.70 -12.55
C GLY A 485 7.34 -10.55 -13.81
N ASN A 486 7.68 -11.31 -14.86
CA ASN A 486 6.89 -11.28 -16.08
C ASN A 486 5.48 -11.79 -15.87
N ARG A 487 5.30 -12.78 -14.99
CA ARG A 487 3.98 -13.28 -14.66
C ARG A 487 3.23 -12.34 -13.72
N PHE A 488 3.95 -11.72 -12.77
CA PHE A 488 3.31 -10.77 -11.87
C PHE A 488 2.81 -9.55 -12.62
N SER A 489 3.59 -9.05 -13.59
CA SER A 489 3.14 -7.93 -14.40
C SER A 489 1.91 -8.31 -15.22
N GLU A 490 1.87 -9.52 -15.77
CA GLU A 490 0.68 -9.96 -16.50
C GLU A 490 -0.53 -10.06 -15.59
N ASP A 491 -0.34 -10.57 -14.36
CA ASP A 491 -1.45 -10.65 -13.41
C ASP A 491 -1.98 -9.26 -13.07
N ILE A 492 -1.09 -8.30 -12.85
CA ILE A 492 -1.51 -6.93 -12.55
C ILE A 492 -2.20 -6.31 -13.76
N ARG A 493 -1.72 -6.62 -14.96
CA ARG A 493 -2.37 -6.15 -16.19
C ARG A 493 -3.80 -6.68 -16.27
N ASP A 494 -3.99 -7.97 -15.99
CA ASP A 494 -5.33 -8.54 -16.04
C ASP A 494 -6.22 -7.95 -14.94
N MET A 495 -5.64 -7.66 -13.77
CA MET A 495 -6.43 -7.18 -12.65
C MET A 495 -6.87 -5.73 -12.84
N ILE A 496 -5.91 -4.82 -13.03
CA ILE A 496 -6.20 -3.38 -13.01
C ILE A 496 -6.09 -2.75 -14.38
N GLY A 497 -5.64 -3.48 -15.41
CA GLY A 497 -5.68 -3.00 -16.78
C GLY A 497 -4.36 -2.53 -17.34
N PHE A 498 -3.37 -2.23 -16.51
CA PHE A 498 -2.09 -1.75 -17.01
C PHE A 498 -0.96 -2.40 -16.22
N PRO A 499 0.20 -2.58 -16.85
CA PRO A 499 1.34 -3.19 -16.15
C PRO A 499 1.94 -2.24 -15.14
N PRO A 500 2.70 -2.76 -14.18
CA PRO A 500 3.32 -1.87 -13.17
C PRO A 500 4.25 -0.83 -13.76
N GLY A 501 4.95 -1.15 -14.85
CA GLY A 501 5.94 -0.28 -15.40
C GLY A 501 7.34 -0.70 -14.96
N PRO A 502 8.33 0.14 -15.24
CA PRO A 502 9.70 -0.21 -14.83
C PRO A 502 10.07 0.11 -13.39
N TRP A 503 9.52 1.17 -12.79
CA TRP A 503 9.89 1.53 -11.42
C TRP A 503 9.53 0.41 -10.46
N MET A 504 8.27 -0.05 -10.49
CA MET A 504 7.84 -1.09 -9.57
C MET A 504 8.57 -2.40 -9.85
N LYS A 505 8.73 -2.75 -11.12
CA LYS A 505 9.38 -4.01 -11.48
C LYS A 505 10.82 -4.04 -10.99
N TYR A 506 11.57 -2.98 -11.27
CA TYR A 506 12.97 -2.94 -10.84
C TYR A 506 13.09 -2.83 -9.32
N SER A 507 12.18 -2.12 -8.67
CA SER A 507 12.21 -2.05 -7.21
C SER A 507 11.98 -3.41 -6.59
N TRP A 508 11.03 -4.18 -7.12
CA TRP A 508 10.81 -5.53 -6.62
C TRP A 508 11.99 -6.44 -6.94
N ALA A 509 12.57 -6.30 -8.13
CA ALA A 509 13.60 -7.24 -8.55
C ALA A 509 14.91 -7.01 -7.81
N VAL A 510 15.36 -5.76 -7.69
CA VAL A 510 16.71 -5.43 -7.26
C VAL A 510 16.70 -4.50 -6.05
N ILE A 511 16.01 -3.36 -6.16
CA ILE A 511 16.20 -2.27 -5.20
C ILE A 511 15.86 -2.72 -3.79
N THR A 512 14.69 -3.35 -3.60
CA THR A 512 14.31 -3.79 -2.26
C THR A 512 15.22 -4.91 -1.74
N PRO A 513 15.46 -6.01 -2.47
CA PRO A 513 16.37 -7.03 -1.93
C PRO A 513 17.77 -6.52 -1.64
N VAL A 514 18.32 -5.67 -2.51
CA VAL A 514 19.66 -5.15 -2.29
C VAL A 514 19.69 -4.31 -1.01
N LEU A 515 18.69 -3.46 -0.81
CA LEU A 515 18.62 -2.66 0.41
C LEU A 515 18.50 -3.55 1.64
N CYS A 516 17.65 -4.57 1.57
CA CYS A 516 17.42 -5.44 2.72
C CYS A 516 18.71 -6.17 3.12
N VAL A 517 19.35 -6.84 2.15
CA VAL A 517 20.57 -7.58 2.48
C VAL A 517 21.70 -6.63 2.87
N GLY A 518 21.78 -5.46 2.25
CA GLY A 518 22.80 -4.50 2.63
C GLY A 518 22.64 -4.05 4.07
N CYS A 519 21.41 -3.72 4.46
CA CYS A 519 21.17 -3.33 5.85
C CYS A 519 21.46 -4.47 6.81
N PHE A 520 21.06 -5.69 6.45
CA PHE A 520 21.31 -6.84 7.32
C PHE A 520 22.82 -7.08 7.51
N ILE A 521 23.57 -7.05 6.41
CA ILE A 521 25.01 -7.28 6.49
C ILE A 521 25.69 -6.16 7.26
N PHE A 522 25.29 -4.90 7.00
CA PHE A 522 25.89 -3.77 7.72
C PHE A 522 25.56 -3.84 9.21
N SER A 523 24.39 -4.39 9.55
CA SER A 523 24.05 -4.57 10.96
C SER A 523 24.92 -5.63 11.61
N LEU A 524 25.05 -6.80 10.97
CA LEU A 524 25.81 -7.87 11.59
C LEU A 524 27.33 -7.72 11.43
N VAL A 525 27.80 -6.72 10.70
CA VAL A 525 29.24 -6.47 10.66
C VAL A 525 29.63 -5.36 11.64
N LYS A 526 28.75 -4.37 11.84
CA LYS A 526 28.98 -3.27 12.77
C LYS A 526 27.99 -3.30 13.93
N TYR A 527 27.73 -4.49 14.46
CA TYR A 527 26.69 -4.65 15.48
C TYR A 527 27.04 -3.90 16.76
N VAL A 528 26.05 -3.22 17.32
CA VAL A 528 26.15 -2.62 18.65
C VAL A 528 24.96 -3.09 19.47
N PRO A 529 25.13 -3.30 20.77
CA PRO A 529 23.99 -3.74 21.60
C PRO A 529 22.89 -2.70 21.65
N LEU A 530 21.66 -3.19 21.78
CA LEU A 530 20.53 -2.30 22.01
C LEU A 530 20.61 -1.66 23.38
N THR A 531 20.27 -0.38 23.46
CA THR A 531 20.32 0.36 24.71
C THR A 531 19.01 1.11 24.90
N TYR A 532 18.62 1.26 26.16
CA TYR A 532 17.48 2.08 26.54
C TYR A 532 17.96 3.45 26.97
N ASN A 533 17.31 4.49 26.44
CA ASN A 533 17.75 5.88 26.62
C ASN A 533 19.19 5.99 26.11
N LYS A 534 19.97 6.90 26.66
CA LYS A 534 21.33 7.11 26.18
C LYS A 534 22.38 6.37 27.00
N THR A 535 22.02 5.82 28.15
CA THR A 535 23.01 5.23 29.05
C THR A 535 22.70 3.80 29.49
N TYR A 536 21.44 3.40 29.58
CA TYR A 536 21.10 2.09 30.12
C TYR A 536 21.44 1.01 29.10
N VAL A 537 22.31 0.07 29.50
CA VAL A 537 22.69 -1.05 28.65
C VAL A 537 21.88 -2.28 29.07
N TYR A 538 21.35 -2.99 28.08
CA TYR A 538 20.54 -4.16 28.36
C TYR A 538 21.42 -5.35 28.73
N PRO A 539 20.94 -6.22 29.62
CA PRO A 539 21.68 -7.44 29.93
C PRO A 539 21.64 -8.43 28.78
N ASN A 540 22.54 -9.41 28.84
CA ASN A 540 22.63 -10.40 27.77
C ASN A 540 21.35 -11.20 27.64
N TRP A 541 20.68 -11.52 28.77
CA TRP A 541 19.45 -12.30 28.70
C TRP A 541 18.32 -11.49 28.06
N ALA A 542 18.28 -10.18 28.30
CA ALA A 542 17.28 -9.34 27.64
C ALA A 542 17.52 -9.29 26.13
N ILE A 543 18.78 -9.19 25.71
CA ILE A 543 19.10 -9.22 24.28
C ILE A 543 18.71 -10.57 23.69
N GLY A 544 18.95 -11.65 24.43
CA GLY A 544 18.54 -12.96 23.96
C GLY A 544 17.03 -13.08 23.83
N LEU A 545 16.29 -12.51 24.78
CA LEU A 545 14.83 -12.50 24.70
C LEU A 545 14.35 -11.72 23.48
N GLY A 546 14.96 -10.55 23.24
CA GLY A 546 14.58 -9.78 22.06
C GLY A 546 14.88 -10.51 20.77
N TRP A 547 16.04 -11.17 20.70
CA TRP A 547 16.37 -11.96 19.52
C TRP A 547 15.44 -13.15 19.36
N SER A 548 14.99 -13.74 20.47
CA SER A 548 14.01 -14.82 20.39
C SER A 548 12.68 -14.29 19.87
N LEU A 549 12.27 -13.10 20.30
CA LEU A 549 11.05 -12.49 19.78
C LEU A 549 11.17 -12.25 18.28
N ALA A 550 12.31 -11.76 17.83
CA ALA A 550 12.53 -11.56 16.40
C ALA A 550 12.53 -12.89 15.64
N LEU A 551 13.17 -13.91 16.22
CA LEU A 551 13.26 -15.20 15.53
C LEU A 551 11.93 -15.92 15.48
N SER A 552 11.02 -15.62 16.42
CA SER A 552 9.69 -16.24 16.38
C SER A 552 8.99 -15.97 15.04
N SER A 553 9.29 -14.85 14.40
CA SER A 553 8.81 -14.56 13.06
C SER A 553 9.85 -14.88 11.99
N MET A 554 11.13 -14.73 12.33
CA MET A 554 12.20 -14.95 11.35
C MET A 554 12.24 -16.40 10.89
N LEU A 555 12.07 -17.35 11.82
CA LEU A 555 12.17 -18.77 11.49
C LEU A 555 10.92 -19.31 10.81
N CYS A 556 9.86 -18.51 10.71
CA CYS A 556 8.60 -19.01 10.16
C CYS A 556 8.76 -19.47 8.71
N VAL A 557 9.66 -18.86 7.95
CA VAL A 557 9.85 -19.22 6.55
C VAL A 557 10.64 -20.52 6.44
N PRO A 558 11.85 -20.64 7.00
CA PRO A 558 12.58 -21.91 6.84
C PRO A 558 11.88 -23.12 7.42
N LEU A 559 11.19 -22.97 8.56
CA LEU A 559 10.52 -24.11 9.17
C LEU A 559 9.37 -24.62 8.31
N VAL A 560 8.53 -23.70 7.79
CA VAL A 560 7.46 -24.12 6.90
C VAL A 560 8.03 -24.69 5.61
N ILE A 561 9.13 -24.12 5.12
CA ILE A 561 9.77 -24.64 3.92
C ILE A 561 10.17 -26.11 4.13
N VAL A 562 10.85 -26.39 5.25
CA VAL A 562 11.31 -27.76 5.48
C VAL A 562 10.14 -28.69 5.75
N ILE A 563 9.08 -28.19 6.41
CA ILE A 563 7.92 -29.03 6.69
C ILE A 563 7.23 -29.43 5.40
N ARG A 564 7.05 -28.47 4.49
CA ARG A 564 6.42 -28.77 3.21
C ARG A 564 7.32 -29.62 2.33
N LEU A 565 8.64 -29.44 2.44
CA LEU A 565 9.56 -30.30 1.70
C LEU A 565 9.47 -31.75 2.17
N CYS A 566 9.36 -31.96 3.48
CA CYS A 566 9.18 -33.31 4.00
C CYS A 566 7.78 -33.86 3.75
N GLN A 567 6.83 -33.01 3.35
CA GLN A 567 5.47 -33.44 3.07
C GLN A 567 5.24 -33.81 1.62
N THR A 568 6.24 -33.69 0.76
CA THR A 568 6.12 -34.01 -0.66
C THR A 568 6.84 -35.32 -0.94
N GLU A 569 6.14 -36.23 -1.61
CA GLU A 569 6.71 -37.53 -1.94
C GLU A 569 7.63 -37.42 -3.16
N GLY A 570 8.39 -38.49 -3.41
CA GLY A 570 9.29 -38.54 -4.53
C GLY A 570 10.67 -38.00 -4.18
N PRO A 571 11.53 -37.89 -5.19
CA PRO A 571 12.87 -37.35 -4.96
C PRO A 571 12.82 -35.91 -4.51
N PHE A 572 13.96 -35.44 -3.96
CA PHE A 572 14.03 -34.07 -3.45
C PHE A 572 13.80 -33.05 -4.55
N LEU A 573 14.44 -33.25 -5.70
CA LEU A 573 14.26 -32.32 -6.82
C LEU A 573 12.81 -32.30 -7.29
N VAL A 574 12.15 -33.46 -7.31
CA VAL A 574 10.74 -33.52 -7.63
C VAL A 574 9.93 -32.72 -6.61
N ARG A 575 10.31 -32.81 -5.33
CA ARG A 575 9.61 -32.06 -4.30
C ARG A 575 9.75 -30.54 -4.51
N VAL A 576 10.96 -30.08 -4.82
CA VAL A 576 11.15 -28.65 -5.08
C VAL A 576 10.38 -28.21 -6.31
N LYS A 577 10.39 -29.03 -7.36
CA LYS A 577 9.65 -28.70 -8.57
C LYS A 577 8.14 -28.61 -8.28
N TYR A 578 7.62 -29.54 -7.49
CA TYR A 578 6.20 -29.53 -7.14
C TYR A 578 5.84 -28.32 -6.29
N LEU A 579 6.69 -27.97 -5.33
CA LEU A 579 6.39 -26.88 -4.41
C LEU A 579 6.61 -25.50 -5.01
N LEU A 580 7.52 -25.36 -5.99
CA LEU A 580 7.78 -24.05 -6.57
C LEU A 580 6.68 -23.65 -7.54
N THR A 581 6.09 -24.61 -8.24
CA THR A 581 5.08 -24.31 -9.23
C THR A 581 3.83 -23.74 -8.56
N PRO A 582 3.31 -22.61 -9.06
CA PRO A 582 2.10 -22.04 -8.46
C PRO A 582 0.87 -22.91 -8.73
N ARG A 583 -0.10 -22.78 -7.83
CA ARG A 583 -1.35 -23.51 -7.95
C ARG A 583 -2.37 -22.70 -8.76
N GLU A 584 -3.33 -23.41 -9.32
CA GLU A 584 -4.37 -22.79 -10.14
C GLU A 584 -5.30 -21.93 -9.27
N GLU B 1 8.39 -0.61 -31.86
CA GLU B 1 7.01 -0.28 -32.21
C GLU B 1 6.93 0.35 -33.59
N VAL B 2 7.14 -0.44 -34.63
CA VAL B 2 7.13 0.08 -35.99
C VAL B 2 6.17 -0.72 -36.87
N GLN B 3 6.39 -2.03 -36.98
CA GLN B 3 5.79 -2.85 -38.03
C GLN B 3 4.87 -3.91 -37.44
N LEU B 4 3.71 -4.08 -38.08
CA LEU B 4 2.83 -5.21 -37.88
C LEU B 4 2.33 -5.67 -39.25
N VAL B 5 2.47 -6.96 -39.53
CA VAL B 5 2.15 -7.52 -40.85
C VAL B 5 1.34 -8.79 -40.65
N GLU B 6 0.17 -8.86 -41.28
CA GLU B 6 -0.65 -10.05 -41.28
C GLU B 6 -0.44 -10.88 -42.54
N SER B 7 -0.74 -12.17 -42.45
CA SER B 7 -0.61 -13.09 -43.57
C SER B 7 -1.51 -14.29 -43.33
N GLY B 8 -1.73 -15.06 -44.40
CA GLY B 8 -2.50 -16.28 -44.32
C GLY B 8 -3.93 -16.19 -44.82
N GLY B 9 -4.36 -15.03 -45.31
CA GLY B 9 -5.71 -14.92 -45.84
C GLY B 9 -5.88 -15.67 -47.15
N GLY B 10 -7.09 -16.16 -47.37
CA GLY B 10 -7.37 -16.89 -48.58
C GLY B 10 -8.84 -17.18 -48.74
N LEU B 11 -9.15 -17.99 -49.75
CA LEU B 11 -10.52 -18.38 -50.06
C LEU B 11 -10.73 -19.84 -49.67
N VAL B 12 -11.78 -20.09 -48.87
CA VAL B 12 -12.08 -21.43 -48.38
C VAL B 12 -13.58 -21.66 -48.44
N LYS B 13 -13.98 -22.93 -48.33
CA LYS B 13 -15.38 -23.29 -48.27
C LYS B 13 -15.95 -23.06 -46.87
N PRO B 14 -17.26 -22.84 -46.75
CA PRO B 14 -17.86 -22.68 -45.43
C PRO B 14 -17.68 -23.92 -44.57
N GLY B 15 -17.47 -23.72 -43.28
CA GLY B 15 -17.25 -24.81 -42.36
C GLY B 15 -15.84 -25.34 -42.30
N GLY B 16 -14.92 -24.78 -43.10
CA GLY B 16 -13.55 -25.22 -43.11
C GLY B 16 -12.72 -24.62 -41.99
N SER B 17 -11.43 -24.91 -42.05
CA SER B 17 -10.47 -24.41 -41.06
C SER B 17 -9.36 -23.64 -41.76
N LEU B 18 -8.94 -22.55 -41.12
CA LEU B 18 -7.86 -21.72 -41.65
C LEU B 18 -7.15 -21.05 -40.49
N LYS B 19 -5.83 -20.89 -40.62
CA LYS B 19 -5.01 -20.31 -39.58
C LYS B 19 -4.36 -19.03 -40.11
N LEU B 20 -4.51 -17.94 -39.37
CA LEU B 20 -3.97 -16.64 -39.74
C LEU B 20 -2.67 -16.38 -38.98
N SER B 21 -1.87 -15.47 -39.52
CA SER B 21 -0.59 -15.10 -38.94
C SER B 21 -0.48 -13.58 -38.85
N CYS B 22 0.27 -13.10 -37.86
CA CYS B 22 0.49 -11.67 -37.67
C CYS B 22 1.92 -11.50 -37.16
N ALA B 23 2.81 -11.08 -38.05
CA ALA B 23 4.20 -10.88 -37.68
C ALA B 23 4.41 -9.48 -37.12
N ALA B 24 5.32 -9.38 -36.14
CA ALA B 24 5.62 -8.13 -35.47
C ALA B 24 7.13 -7.91 -35.43
N SER B 25 7.53 -6.64 -35.43
CA SER B 25 8.93 -6.28 -35.37
C SER B 25 9.08 -4.90 -34.74
N GLY B 26 10.28 -4.61 -34.23
CA GLY B 26 10.58 -3.31 -33.68
C GLY B 26 10.17 -3.11 -32.23
N PHE B 27 9.60 -4.13 -31.58
CA PHE B 27 9.21 -3.99 -30.18
C PHE B 27 9.20 -5.38 -29.54
N THR B 28 9.16 -5.38 -28.20
CA THR B 28 9.16 -6.62 -27.45
C THR B 28 7.80 -7.30 -27.52
N PHE B 29 7.68 -8.27 -28.43
CA PHE B 29 6.41 -8.98 -28.59
C PHE B 29 6.04 -9.77 -27.34
N SER B 30 7.05 -10.26 -26.60
CA SER B 30 6.80 -11.06 -25.41
C SER B 30 6.26 -10.25 -24.24
N SER B 31 6.27 -8.92 -24.32
CA SER B 31 5.81 -8.07 -23.22
C SER B 31 4.62 -7.21 -23.60
N TYR B 32 4.00 -7.44 -24.76
CA TYR B 32 2.87 -6.65 -25.23
C TYR B 32 1.71 -7.58 -25.54
N ALA B 33 0.52 -7.24 -25.03
CA ALA B 33 -0.67 -8.04 -25.31
C ALA B 33 -1.14 -7.79 -26.74
N MET B 34 -1.65 -8.84 -27.37
CA MET B 34 -2.11 -8.79 -28.75
C MET B 34 -3.57 -9.21 -28.83
N SER B 35 -4.33 -8.51 -29.67
CA SER B 35 -5.74 -8.80 -29.88
C SER B 35 -6.06 -8.74 -31.36
N TRP B 36 -7.11 -9.45 -31.75
CA TRP B 36 -7.56 -9.50 -33.13
C TRP B 36 -8.84 -8.69 -33.28
N VAL B 37 -8.89 -7.84 -34.30
CA VAL B 37 -10.06 -7.02 -34.60
C VAL B 37 -10.54 -7.39 -36.00
N ARG B 38 -11.84 -7.63 -36.13
CA ARG B 38 -12.44 -8.11 -37.36
C ARG B 38 -13.32 -7.03 -37.96
N GLN B 39 -13.08 -6.71 -39.24
CA GLN B 39 -13.85 -5.72 -39.96
C GLN B 39 -14.72 -6.42 -41.00
N SER B 40 -16.03 -6.39 -40.79
CA SER B 40 -16.97 -7.04 -41.68
C SER B 40 -17.02 -6.30 -43.02
N PRO B 41 -17.50 -6.96 -44.08
CA PRO B 41 -17.62 -6.26 -45.37
C PRO B 41 -18.53 -5.05 -45.32
N GLU B 42 -19.44 -4.98 -44.35
CA GLU B 42 -20.26 -3.79 -44.13
C GLU B 42 -19.52 -2.71 -43.34
N LYS B 43 -18.19 -2.83 -43.21
CA LYS B 43 -17.29 -1.89 -42.55
C LYS B 43 -17.48 -1.84 -41.04
N ARG B 44 -18.30 -2.71 -40.46
CA ARG B 44 -18.51 -2.72 -39.02
C ARG B 44 -17.37 -3.45 -38.32
N LEU B 45 -16.79 -2.81 -37.31
CA LEU B 45 -15.71 -3.42 -36.54
C LEU B 45 -16.27 -4.38 -35.51
N GLU B 46 -15.60 -5.51 -35.34
CA GLU B 46 -16.00 -6.50 -34.34
C GLU B 46 -14.76 -7.10 -33.71
N TRP B 47 -14.77 -7.22 -32.38
CA TRP B 47 -13.67 -7.83 -31.66
C TRP B 47 -13.81 -9.35 -31.68
N VAL B 48 -12.66 -10.03 -31.74
CA VAL B 48 -12.65 -11.49 -31.86
C VAL B 48 -12.07 -12.12 -30.61
N ALA B 49 -10.80 -11.82 -30.32
CA ALA B 49 -10.12 -12.45 -29.20
C ALA B 49 -8.96 -11.58 -28.75
N GLU B 50 -8.53 -11.80 -27.52
CA GLU B 50 -7.37 -11.14 -26.94
C GLU B 50 -6.51 -12.17 -26.22
N ILE B 51 -5.19 -12.07 -26.39
CA ILE B 51 -4.24 -12.96 -25.73
C ILE B 51 -3.26 -12.09 -24.94
N SER B 52 -2.90 -12.54 -23.75
CA SER B 52 -2.03 -11.77 -22.87
C SER B 52 -0.59 -11.82 -23.37
N SER B 53 0.27 -11.06 -22.69
CA SER B 53 1.69 -11.03 -23.05
C SER B 53 2.33 -12.41 -22.89
N GLY B 54 2.02 -13.11 -21.79
CA GLY B 54 2.50 -14.45 -21.58
C GLY B 54 1.62 -15.55 -22.10
N GLY B 55 0.41 -15.21 -22.57
CA GLY B 55 -0.50 -16.19 -23.13
C GLY B 55 -1.29 -16.99 -22.11
N ARG B 56 -1.15 -16.71 -20.81
CA ARG B 56 -1.88 -17.46 -19.81
C ARG B 56 -3.36 -17.08 -19.77
N TYR B 57 -3.66 -15.79 -19.93
CA TYR B 57 -5.03 -15.29 -19.91
C TYR B 57 -5.48 -15.02 -21.34
N ILE B 58 -6.60 -15.63 -21.73
CA ILE B 58 -7.11 -15.52 -23.09
C ILE B 58 -8.62 -15.30 -23.02
N TYR B 59 -9.12 -14.38 -23.84
CA TYR B 59 -10.54 -14.07 -23.92
C TYR B 59 -11.03 -14.19 -25.35
N TYR B 60 -12.31 -14.48 -25.50
CA TYR B 60 -12.93 -14.62 -26.81
C TYR B 60 -14.26 -13.86 -26.86
N SER B 61 -14.67 -13.50 -28.06
CA SER B 61 -16.00 -12.95 -28.25
C SER B 61 -17.04 -14.06 -28.20
N ASP B 62 -18.28 -13.68 -27.86
CA ASP B 62 -19.35 -14.68 -27.72
C ASP B 62 -19.64 -15.38 -29.04
N THR B 63 -19.44 -14.70 -30.17
CA THR B 63 -19.73 -15.29 -31.47
C THR B 63 -18.66 -16.26 -31.94
N VAL B 64 -17.46 -16.21 -31.37
CA VAL B 64 -16.36 -17.06 -31.80
C VAL B 64 -15.69 -17.79 -30.66
N THR B 65 -16.29 -17.81 -29.47
CA THR B 65 -15.66 -18.47 -28.32
C THR B 65 -15.53 -19.97 -28.53
N GLY B 66 -16.54 -20.60 -29.11
CA GLY B 66 -16.54 -22.04 -29.29
C GLY B 66 -15.88 -22.58 -30.54
N ARG B 67 -15.43 -21.71 -31.43
CA ARG B 67 -14.87 -22.14 -32.71
C ARG B 67 -13.46 -21.64 -32.97
N PHE B 68 -13.06 -20.51 -32.39
CA PHE B 68 -11.75 -19.91 -32.67
C PHE B 68 -10.75 -20.30 -31.58
N THR B 69 -9.48 -20.14 -31.90
CA THR B 69 -8.41 -20.31 -30.92
C THR B 69 -7.23 -19.44 -31.33
N ILE B 70 -6.64 -18.76 -30.35
CA ILE B 70 -5.56 -17.82 -30.58
C ILE B 70 -4.30 -18.31 -29.87
N SER B 71 -3.15 -18.11 -30.52
CA SER B 71 -1.88 -18.52 -29.95
C SER B 71 -0.81 -17.52 -30.39
N ARG B 72 0.31 -17.53 -29.67
CA ARG B 72 1.41 -16.62 -29.95
C ARG B 72 2.73 -17.38 -29.90
N ASP B 73 3.73 -16.83 -30.59
CA ASP B 73 5.07 -17.40 -30.64
C ASP B 73 6.05 -16.29 -30.26
N ASN B 74 6.42 -16.22 -28.98
CA ASN B 74 7.32 -15.18 -28.51
C ASN B 74 8.71 -15.32 -29.11
N ALA B 75 9.14 -16.57 -29.38
CA ALA B 75 10.46 -16.78 -29.96
C ALA B 75 10.58 -16.18 -31.35
N ARG B 76 9.52 -16.29 -32.16
CA ARG B 76 9.51 -15.75 -33.51
C ARG B 76 8.75 -14.44 -33.64
N ASN B 77 8.16 -13.95 -32.54
CA ASN B 77 7.37 -12.72 -32.56
C ASN B 77 6.25 -12.78 -33.59
N ILE B 78 5.57 -13.93 -33.66
CA ILE B 78 4.50 -14.16 -34.62
C ILE B 78 3.23 -14.48 -33.84
N LEU B 79 2.14 -13.81 -34.19
CA LEU B 79 0.84 -14.02 -33.58
C LEU B 79 -0.04 -14.84 -34.51
N HIS B 80 -0.66 -15.89 -33.95
CA HIS B 80 -1.46 -16.83 -34.73
C HIS B 80 -2.92 -16.77 -34.31
N LEU B 81 -3.80 -16.98 -35.28
CA LEU B 81 -5.23 -17.08 -35.03
C LEU B 81 -5.76 -18.24 -35.86
N GLU B 82 -6.15 -19.33 -35.18
CA GLU B 82 -6.62 -20.54 -35.83
C GLU B 82 -8.11 -20.72 -35.55
N MET B 83 -8.87 -21.02 -36.60
CA MET B 83 -10.31 -21.19 -36.50
C MET B 83 -10.69 -22.59 -36.96
N SER B 84 -11.61 -23.21 -36.23
CA SER B 84 -12.02 -24.58 -36.55
C SER B 84 -13.14 -24.61 -37.59
N SER B 85 -14.16 -23.78 -37.43
CA SER B 85 -15.34 -23.80 -38.29
C SER B 85 -15.76 -22.37 -38.60
N LEU B 86 -15.54 -21.95 -39.84
CA LEU B 86 -15.96 -20.63 -40.30
C LEU B 86 -17.38 -20.69 -40.81
N ARG B 87 -18.27 -19.89 -40.21
CA ARG B 87 -19.66 -19.81 -40.65
C ARG B 87 -19.77 -18.85 -41.83
N SER B 88 -21.01 -18.64 -42.29
CA SER B 88 -21.25 -17.72 -43.40
C SER B 88 -20.93 -16.29 -43.01
N GLU B 89 -21.11 -15.93 -41.75
CA GLU B 89 -20.87 -14.57 -41.28
C GLU B 89 -19.43 -14.32 -40.88
N ASP B 90 -18.55 -15.31 -40.99
CA ASP B 90 -17.16 -15.17 -40.59
C ASP B 90 -16.30 -14.50 -41.65
N THR B 91 -16.82 -14.30 -42.86
CA THR B 91 -16.05 -13.63 -43.89
C THR B 91 -15.89 -12.15 -43.56
N ALA B 92 -14.64 -11.67 -43.57
CA ALA B 92 -14.31 -10.31 -43.18
C ALA B 92 -12.81 -10.10 -43.41
N MET B 93 -12.35 -8.90 -43.06
CA MET B 93 -10.93 -8.58 -43.06
C MET B 93 -10.43 -8.55 -41.62
N TYR B 94 -9.34 -9.27 -41.36
CA TYR B 94 -8.84 -9.47 -40.01
C TYR B 94 -7.65 -8.58 -39.74
N TYR B 95 -7.65 -7.92 -38.58
CA TYR B 95 -6.56 -7.06 -38.15
C TYR B 95 -6.05 -7.53 -36.80
N CYS B 96 -4.74 -7.49 -36.61
CA CYS B 96 -4.12 -7.76 -35.31
C CYS B 96 -3.65 -6.45 -34.71
N ALA B 97 -4.03 -6.21 -33.46
CA ALA B 97 -3.78 -4.93 -32.80
C ALA B 97 -3.07 -5.15 -31.48
N ARG B 98 -2.28 -4.16 -31.08
CA ARG B 98 -1.53 -4.20 -29.84
C ARG B 98 -2.36 -3.58 -28.73
N GLY B 99 -2.70 -4.36 -27.71
CA GLY B 99 -3.61 -3.93 -26.66
C GLY B 99 -3.06 -4.11 -25.27
N GLU B 100 -1.78 -3.82 -25.09
CA GLU B 100 -1.12 -4.08 -23.81
C GLU B 100 -1.76 -3.28 -22.68
N VAL B 101 -2.16 -2.04 -22.94
CA VAL B 101 -2.75 -1.18 -21.92
C VAL B 101 -4.23 -1.02 -22.23
N ARG B 102 -5.08 -1.41 -21.28
CA ARG B 102 -6.52 -1.27 -21.46
C ARG B 102 -6.96 0.18 -21.40
N GLN B 103 -6.28 1.01 -20.61
CA GLN B 103 -6.60 2.42 -20.51
C GLN B 103 -6.11 3.24 -21.69
N ARG B 104 -5.35 2.62 -22.61
CA ARG B 104 -4.84 3.31 -23.78
C ARG B 104 -5.40 2.78 -25.09
N GLY B 105 -5.76 1.49 -25.16
CA GLY B 105 -6.37 0.94 -26.35
C GLY B 105 -5.38 0.33 -27.32
N PHE B 106 -5.82 0.18 -28.56
CA PHE B 106 -5.02 -0.44 -29.61
C PHE B 106 -4.13 0.64 -30.23
N ASP B 107 -2.85 0.64 -29.84
CA ASP B 107 -1.93 1.66 -30.33
C ASP B 107 -1.61 1.46 -31.80
N TYR B 108 -1.28 0.24 -32.19
CA TYR B 108 -0.81 -0.05 -33.53
C TYR B 108 -1.72 -1.07 -34.20
N TRP B 109 -1.90 -0.92 -35.52
CA TRP B 109 -2.71 -1.82 -36.32
C TRP B 109 -1.90 -2.28 -37.52
N GLY B 110 -2.10 -3.54 -37.93
CA GLY B 110 -1.42 -4.09 -39.07
C GLY B 110 -2.11 -3.77 -40.38
N GLN B 111 -1.52 -4.29 -41.47
CA GLN B 111 -2.09 -4.07 -42.79
C GLN B 111 -3.40 -4.84 -42.97
N GLY B 112 -3.50 -6.02 -42.38
CA GLY B 112 -4.71 -6.81 -42.45
C GLY B 112 -4.72 -7.76 -43.64
N THR B 113 -5.54 -8.80 -43.51
CA THR B 113 -5.71 -9.81 -44.55
C THR B 113 -7.18 -10.15 -44.69
N THR B 114 -7.62 -10.31 -45.93
CA THR B 114 -9.02 -10.62 -46.21
C THR B 114 -9.24 -12.13 -46.22
N LEU B 115 -10.38 -12.55 -45.67
CA LEU B 115 -10.78 -13.95 -45.66
C LEU B 115 -12.15 -14.07 -46.30
N THR B 116 -12.26 -14.92 -47.32
CA THR B 116 -13.49 -15.09 -48.08
C THR B 116 -13.97 -16.52 -47.98
N VAL B 117 -15.25 -16.69 -47.68
CA VAL B 117 -15.90 -18.00 -47.64
C VAL B 117 -17.01 -18.02 -48.69
N SER B 118 -17.13 -19.16 -49.37
CA SER B 118 -18.14 -19.31 -50.42
C SER B 118 -18.38 -20.77 -50.75
N GLU C 1 -23.02 -8.66 -23.73
CA GLU C 1 -22.05 -7.69 -24.22
C GLU C 1 -22.66 -6.28 -24.24
N ASN C 2 -21.85 -5.30 -23.83
CA ASN C 2 -22.29 -3.91 -23.79
C ASN C 2 -22.24 -3.35 -25.21
N VAL C 3 -23.39 -3.21 -25.84
CA VAL C 3 -23.48 -2.75 -27.22
C VAL C 3 -23.33 -1.23 -27.24
N LEU C 4 -22.38 -0.74 -28.03
CA LEU C 4 -22.16 0.69 -28.20
C LEU C 4 -22.66 1.13 -29.57
N THR C 5 -23.38 2.25 -29.59
CA THR C 5 -23.99 2.73 -30.82
C THR C 5 -23.70 4.22 -30.98
N GLN C 6 -23.45 4.64 -32.23
CA GLN C 6 -23.22 6.02 -32.57
C GLN C 6 -24.37 6.50 -33.45
N SER C 7 -25.01 7.62 -33.04
CA SER C 7 -26.21 8.07 -33.74
C SER C 7 -25.92 8.64 -35.12
N PRO C 8 -25.05 9.66 -35.27
CA PRO C 8 -24.88 10.24 -36.62
C PRO C 8 -24.00 9.39 -37.54
N ALA C 9 -24.59 8.33 -38.09
CA ALA C 9 -23.84 7.41 -38.95
C ALA C 9 -23.27 8.14 -40.17
N ILE C 10 -24.00 9.11 -40.71
CA ILE C 10 -23.54 9.89 -41.84
C ILE C 10 -23.59 11.37 -41.46
N MET C 11 -22.49 12.08 -41.69
CA MET C 11 -22.38 13.50 -41.37
C MET C 11 -21.88 14.26 -42.59
N SER C 12 -22.81 14.85 -43.34
CA SER C 12 -22.42 15.83 -44.35
C SER C 12 -21.88 17.08 -43.67
N THR C 13 -20.79 17.60 -44.20
CA THR C 13 -20.08 18.70 -43.55
C THR C 13 -19.64 19.73 -44.57
N SER C 14 -19.38 20.94 -44.07
CA SER C 14 -18.80 22.03 -44.83
C SER C 14 -17.37 22.27 -44.36
N PRO C 15 -16.41 22.41 -45.28
CA PRO C 15 -15.00 22.58 -44.86
C PRO C 15 -14.83 23.82 -43.99
N GLY C 16 -14.00 23.67 -42.96
CA GLY C 16 -13.72 24.76 -42.03
C GLY C 16 -14.70 24.90 -40.88
N GLU C 17 -15.76 24.10 -40.85
CA GLU C 17 -16.75 24.20 -39.80
C GLU C 17 -16.43 23.23 -38.66
N LYS C 18 -17.17 23.37 -37.56
CA LYS C 18 -17.00 22.50 -36.40
C LYS C 18 -18.02 21.36 -36.45
N VAL C 19 -17.55 20.15 -36.14
CA VAL C 19 -18.38 18.95 -36.17
C VAL C 19 -18.19 18.19 -34.87
N THR C 20 -19.30 17.78 -34.27
CA THR C 20 -19.27 17.00 -33.03
C THR C 20 -20.14 15.77 -33.21
N MET C 21 -19.58 14.61 -32.88
CA MET C 21 -20.28 13.33 -33.00
C MET C 21 -20.19 12.60 -31.66
N THR C 22 -21.26 11.89 -31.33
CA THR C 22 -21.41 11.29 -30.01
C THR C 22 -21.55 9.78 -30.11
N CYS C 23 -21.16 9.09 -29.03
CA CYS C 23 -21.28 7.65 -28.92
C CYS C 23 -22.07 7.31 -27.65
N ARG C 24 -22.94 6.32 -27.74
CA ARG C 24 -23.76 5.90 -26.62
C ARG C 24 -23.53 4.41 -26.36
N ALA C 25 -23.62 4.04 -25.08
CA ALA C 25 -23.40 2.66 -24.65
C ALA C 25 -24.61 2.18 -23.85
N SER C 26 -24.91 0.89 -23.99
CA SER C 26 -26.01 0.29 -23.25
C SER C 26 -25.75 0.26 -21.75
N SER C 27 -24.49 0.24 -21.34
CA SER C 27 -24.14 0.23 -19.93
C SER C 27 -23.03 1.25 -19.69
N SER C 28 -22.97 1.74 -18.45
CA SER C 28 -21.97 2.74 -18.09
C SER C 28 -20.58 2.14 -18.14
N VAL C 29 -19.65 2.88 -18.72
CA VAL C 29 -18.25 2.47 -18.85
C VAL C 29 -17.38 3.53 -18.20
N GLY C 30 -16.21 3.12 -17.72
CA GLY C 30 -15.31 4.06 -17.10
C GLY C 30 -14.79 5.10 -18.08
N SER C 31 -14.44 6.27 -17.55
CA SER C 31 -13.90 7.33 -18.39
C SER C 31 -12.58 6.93 -19.02
N SER C 32 -11.78 6.15 -18.29
CA SER C 32 -10.48 5.71 -18.80
C SER C 32 -10.56 4.45 -19.64
N TYR C 33 -11.75 3.87 -19.83
CA TYR C 33 -11.91 2.62 -20.57
C TYR C 33 -12.68 2.80 -21.87
N LEU C 34 -12.62 3.98 -22.49
CA LEU C 34 -13.19 4.19 -23.81
C LEU C 34 -12.20 4.95 -24.67
N HIS C 35 -12.10 4.56 -25.94
CA HIS C 35 -11.15 5.15 -26.87
C HIS C 35 -11.82 5.33 -28.23
N TRP C 36 -11.22 6.21 -29.04
CA TRP C 36 -11.68 6.47 -30.39
C TRP C 36 -10.58 6.14 -31.39
N TYR C 37 -11.00 5.64 -32.56
CA TYR C 37 -10.09 5.27 -33.62
C TYR C 37 -10.51 5.93 -34.92
N GLN C 38 -9.52 6.31 -35.73
CA GLN C 38 -9.76 6.89 -37.05
C GLN C 38 -9.33 5.90 -38.11
N GLN C 39 -10.23 5.63 -39.07
CA GLN C 39 -9.95 4.72 -40.17
C GLN C 39 -10.13 5.47 -41.49
N LYS C 40 -9.04 5.65 -42.22
CA LYS C 40 -9.12 6.27 -43.55
C LYS C 40 -9.80 5.32 -44.53
N SER C 41 -10.46 5.90 -45.53
CA SER C 41 -11.13 5.11 -46.54
C SER C 41 -10.14 4.20 -47.26
N GLY C 42 -10.29 2.89 -47.09
CA GLY C 42 -9.38 1.94 -47.67
C GLY C 42 -8.08 1.73 -46.92
N ALA C 43 -8.00 2.16 -45.66
CA ALA C 43 -6.79 2.03 -44.87
C ALA C 43 -7.15 1.45 -43.50
N SER C 44 -6.12 1.00 -42.79
CA SER C 44 -6.32 0.40 -41.48
C SER C 44 -6.64 1.48 -40.45
N PRO C 45 -7.44 1.15 -39.43
CA PRO C 45 -7.74 2.13 -38.37
C PRO C 45 -6.50 2.45 -37.54
N LYS C 46 -6.52 3.64 -36.94
CA LYS C 46 -5.44 4.10 -36.09
C LYS C 46 -6.03 4.75 -34.85
N LEU C 47 -5.34 4.57 -33.72
CA LEU C 47 -5.81 5.16 -32.46
C LEU C 47 -5.82 6.67 -32.56
N TRP C 48 -6.92 7.28 -32.12
CA TRP C 48 -7.10 8.72 -32.20
C TRP C 48 -7.21 9.38 -30.84
N ILE C 49 -8.11 8.91 -29.98
CA ILE C 49 -8.30 9.46 -28.65
C ILE C 49 -8.40 8.30 -27.66
N TYR C 50 -7.71 8.43 -26.53
CA TYR C 50 -7.78 7.43 -25.48
C TYR C 50 -7.99 8.12 -24.13
N SER C 51 -8.63 7.41 -23.21
CA SER C 51 -8.98 7.94 -21.89
C SER C 51 -9.91 9.14 -22.00
N THR C 52 -10.54 9.28 -23.17
CA THR C 52 -11.60 10.25 -23.45
C THR C 52 -11.09 11.69 -23.47
N SER C 53 -9.84 11.91 -23.08
CA SER C 53 -9.29 13.26 -23.07
C SER C 53 -7.93 13.33 -23.75
N ASN C 54 -7.16 12.24 -23.67
CA ASN C 54 -5.78 12.25 -24.15
C ASN C 54 -5.75 12.04 -25.66
N LEU C 55 -5.25 13.04 -26.39
CA LEU C 55 -5.12 12.93 -27.84
C LEU C 55 -3.92 12.06 -28.18
N ALA C 56 -4.02 11.33 -29.28
CA ALA C 56 -2.93 10.46 -29.71
C ALA C 56 -1.75 11.29 -30.22
N SER C 57 -0.62 10.60 -30.40
CA SER C 57 0.59 11.27 -30.89
C SER C 57 0.45 11.74 -32.34
N GLY C 58 -0.24 10.98 -33.18
CA GLY C 58 -0.38 11.30 -34.58
C GLY C 58 -1.50 12.26 -34.93
N VAL C 59 -2.23 12.75 -33.95
CA VAL C 59 -3.34 13.68 -34.17
C VAL C 59 -2.99 15.00 -33.49
N PRO C 60 -3.19 16.14 -34.15
CA PRO C 60 -2.91 17.43 -33.50
C PRO C 60 -3.99 17.79 -32.48
N ALA C 61 -3.87 19.00 -31.94
CA ALA C 61 -4.83 19.50 -30.98
C ALA C 61 -6.18 19.86 -31.62
N ARG C 62 -6.27 19.80 -32.95
CA ARG C 62 -7.51 20.13 -33.63
C ARG C 62 -8.69 19.28 -33.15
N PHE C 63 -8.43 18.04 -32.77
CA PHE C 63 -9.45 17.13 -32.27
C PHE C 63 -9.49 17.16 -30.75
N SER C 64 -10.63 16.77 -30.20
CA SER C 64 -10.84 16.75 -28.76
C SER C 64 -11.93 15.76 -28.43
N GLY C 65 -12.00 15.38 -27.15
CA GLY C 65 -13.00 14.44 -26.69
C GLY C 65 -13.48 14.78 -25.30
N SER C 66 -14.70 14.35 -25.00
CA SER C 66 -15.31 14.59 -23.71
C SER C 66 -16.43 13.58 -23.50
N GLY C 67 -16.89 13.48 -22.25
CA GLY C 67 -18.00 12.61 -21.92
C GLY C 67 -17.80 11.83 -20.64
N SER C 68 -18.88 11.22 -20.15
CA SER C 68 -18.84 10.44 -18.91
C SER C 68 -20.11 9.61 -18.83
N GLY C 69 -20.08 8.61 -17.96
CA GLY C 69 -21.25 7.76 -17.78
C GLY C 69 -21.51 6.91 -19.01
N THR C 70 -22.73 6.99 -19.53
CA THR C 70 -23.13 6.23 -20.71
C THR C 70 -23.10 7.06 -21.99
N SER C 71 -22.69 8.32 -21.91
CA SER C 71 -22.66 9.20 -23.08
C SER C 71 -21.25 9.73 -23.29
N TYR C 72 -20.81 9.73 -24.54
CA TYR C 72 -19.46 10.16 -24.89
C TYR C 72 -19.50 10.79 -26.28
N SER C 73 -18.56 11.68 -26.53
CA SER C 73 -18.53 12.41 -27.80
C SER C 73 -17.13 12.95 -28.04
N LEU C 74 -16.89 13.37 -29.29
CA LEU C 74 -15.67 14.06 -29.67
C LEU C 74 -16.03 15.30 -30.46
N THR C 75 -15.11 16.27 -30.47
CA THR C 75 -15.34 17.53 -31.15
C THR C 75 -14.16 17.85 -32.06
N ILE C 76 -14.46 18.52 -33.18
CA ILE C 76 -13.46 18.98 -34.13
C ILE C 76 -13.60 20.48 -34.26
N SER C 77 -12.49 21.20 -34.07
CA SER C 77 -12.53 22.67 -34.12
C SER C 77 -12.83 23.17 -35.53
N SER C 78 -12.18 22.59 -36.53
CA SER C 78 -12.38 23.00 -37.92
C SER C 78 -11.99 21.83 -38.82
N VAL C 79 -12.97 21.25 -39.50
CA VAL C 79 -12.72 20.07 -40.33
C VAL C 79 -12.11 20.46 -41.66
N GLU C 80 -11.00 19.80 -42.01
CA GLU C 80 -10.37 20.00 -43.29
C GLU C 80 -10.65 18.82 -44.22
N ALA C 81 -10.04 18.86 -45.41
CA ALA C 81 -10.17 17.74 -46.34
C ALA C 81 -9.52 16.48 -45.79
N GLU C 82 -8.39 16.62 -45.07
CA GLU C 82 -7.71 15.46 -44.51
C GLU C 82 -8.48 14.81 -43.38
N ASP C 83 -9.46 15.51 -42.80
CA ASP C 83 -10.21 14.98 -41.67
C ASP C 83 -11.29 14.00 -42.08
N ALA C 84 -11.55 13.84 -43.37
CA ALA C 84 -12.61 12.93 -43.84
C ALA C 84 -12.20 11.48 -43.62
N ALA C 85 -12.84 10.83 -42.66
CA ALA C 85 -12.56 9.43 -42.34
C ALA C 85 -13.70 8.89 -41.49
N THR C 86 -13.60 7.61 -41.15
CA THR C 86 -14.58 6.94 -40.30
C THR C 86 -14.04 6.78 -38.90
N TYR C 87 -14.83 7.16 -37.91
CA TYR C 87 -14.43 7.15 -36.51
C TYR C 87 -15.29 6.18 -35.71
N TYR C 88 -14.65 5.36 -34.88
CA TYR C 88 -15.34 4.34 -34.10
C TYR C 88 -15.07 4.54 -32.62
N CYS C 89 -16.10 4.36 -31.80
CA CYS C 89 -15.94 4.34 -30.35
C CYS C 89 -15.87 2.91 -29.85
N GLN C 90 -14.93 2.63 -28.94
CA GLN C 90 -14.72 1.30 -28.40
C GLN C 90 -14.54 1.37 -26.89
N GLN C 91 -14.98 0.32 -26.21
CA GLN C 91 -14.90 0.22 -24.76
C GLN C 91 -13.85 -0.82 -24.36
N PHE C 92 -13.20 -0.59 -23.22
CA PHE C 92 -12.22 -1.52 -22.67
C PHE C 92 -12.50 -1.85 -21.21
N SER C 93 -13.72 -1.57 -20.73
CA SER C 93 -14.03 -1.80 -19.33
C SER C 93 -14.19 -3.28 -19.00
N GLY C 94 -14.76 -4.06 -19.90
CA GLY C 94 -14.95 -5.48 -19.66
C GLY C 94 -15.20 -6.22 -20.95
N TYR C 95 -14.82 -7.50 -20.96
CA TYR C 95 -15.02 -8.36 -22.10
C TYR C 95 -16.48 -8.82 -22.19
N PRO C 96 -16.98 -9.09 -23.40
CA PRO C 96 -16.31 -8.96 -24.71
C PRO C 96 -16.16 -7.51 -25.14
N LEU C 97 -15.07 -7.16 -25.82
CA LEU C 97 -14.89 -5.82 -26.33
C LEU C 97 -15.85 -5.56 -27.48
N THR C 98 -16.35 -4.32 -27.54
CA THR C 98 -17.32 -3.94 -28.56
C THR C 98 -16.93 -2.61 -29.18
N PHE C 99 -17.22 -2.47 -30.47
CA PHE C 99 -16.96 -1.25 -31.23
C PHE C 99 -18.29 -0.65 -31.67
N GLY C 100 -18.31 0.67 -31.77
CA GLY C 100 -19.50 1.37 -32.23
C GLY C 100 -19.75 1.15 -33.71
N SER C 101 -20.95 1.55 -34.13
CA SER C 101 -21.33 1.43 -35.53
C SER C 101 -20.49 2.29 -36.45
N GLY C 102 -19.84 3.33 -35.91
CA GLY C 102 -18.97 4.17 -36.71
C GLY C 102 -19.63 5.39 -37.30
N THR C 103 -18.87 6.48 -37.41
CA THR C 103 -19.35 7.72 -38.01
C THR C 103 -18.36 8.15 -39.08
N LYS C 104 -18.85 8.31 -40.31
CA LYS C 104 -18.02 8.67 -41.45
C LYS C 104 -18.41 10.05 -41.95
N LEU C 105 -17.43 10.95 -42.07
CA LEU C 105 -17.67 12.26 -42.63
C LEU C 105 -17.88 12.13 -44.14
N GLU C 106 -18.98 12.70 -44.64
CA GLU C 106 -19.38 12.55 -46.03
C GLU C 106 -18.89 13.71 -46.90
N MET C 107 -17.98 14.53 -46.39
CA MET C 107 -17.45 15.65 -47.17
C MET C 107 -16.10 16.10 -46.62
C1 ID7 D . 0.90 2.84 12.40
O1 ID7 D . 1.64 3.73 11.96
O2 ID7 D . 0.20 3.02 13.39
C2 ID7 D . 0.84 1.46 11.71
C3 ID7 D . -0.47 1.43 11.05
C4 ID7 D . -0.98 0.07 10.80
C5 ID7 D . -0.69 -0.92 11.92
C6 ID7 D . 0.96 0.45 12.82
N1 ID7 D . 0.74 -0.87 12.24
CL CL E . 6.65 7.23 8.66
#